data_1IDS
#
_entry.id   1IDS
#
_cell.length_a   68.650
_cell.length_b   85.400
_cell.length_c   66.350
_cell.angle_alpha   90.00
_cell.angle_beta   99.86
_cell.angle_gamma   90.00
#
_symmetry.space_group_name_H-M   'P 1 21 1'
#
loop_
_entity.id
_entity.type
_entity.pdbx_description
1 polymer 'IRON SUPEROXIDE DISMUTASE'
2 non-polymer 'FE (III) ION'
3 water water
#
_entity_poly.entity_id   1
_entity_poly.type   'polypeptide(L)'
_entity_poly.pdbx_seq_one_letter_code
;MAEYTLPDLDWDYGALEPHISGQINELHHSKHHATYVKGANDAVAKLEEARAKEDHSAILLNEKNLAFNLAGHVNHTIWW
KNLSPNGGDKPTGELAAAIADAFGSFDKFRAQFHAAATTVQGSGWAALGWDTLGNKLLIFQVYDHQTNFPLGIVPLLLLD
MWEHAFYLQYKNVKVDFAKAFWNVVNWADVQSRYAAATSQTKGLIFG
;
_entity_poly.pdbx_strand_id   A,B,C,D
#
loop_
_chem_comp.id
_chem_comp.type
_chem_comp.name
_chem_comp.formula
FE non-polymer 'FE (III) ION' 'Fe 3'
#
# COMPACT_ATOMS: atom_id res chain seq x y z
N ALA A 2 -7.36 7.73 28.89
CA ALA A 2 -8.74 8.16 28.61
C ALA A 2 -9.03 8.09 27.11
N GLU A 3 -9.86 9.02 26.66
CA GLU A 3 -10.21 9.03 25.23
C GLU A 3 -9.16 9.92 24.51
N TYR A 4 -9.24 9.87 23.20
CA TYR A 4 -8.31 10.74 22.41
C TYR A 4 -9.09 12.07 22.25
N THR A 5 -8.44 13.21 22.36
CA THR A 5 -9.12 14.48 22.22
C THR A 5 -8.50 15.33 21.09
N LEU A 6 -9.35 16.25 20.64
CA LEU A 6 -8.92 17.22 19.60
C LEU A 6 -8.14 18.30 20.40
N PRO A 7 -6.85 18.42 20.19
CA PRO A 7 -6.11 19.45 20.94
C PRO A 7 -6.49 20.83 20.41
N ASP A 8 -6.32 21.80 21.29
CA ASP A 8 -6.63 23.20 20.93
C ASP A 8 -5.40 23.80 20.24
N LEU A 9 -5.64 24.75 19.34
CA LEU A 9 -4.50 25.39 18.66
C LEU A 9 -3.88 26.44 19.60
N ASP A 10 -2.62 26.74 19.43
CA ASP A 10 -1.92 27.73 20.28
C ASP A 10 -2.02 29.11 19.62
N TRP A 11 -2.86 29.21 18.60
CA TRP A 11 -3.02 30.48 17.89
C TRP A 11 -4.35 30.53 17.16
N ASP A 12 -4.74 31.71 16.74
CA ASP A 12 -5.98 31.98 16.00
C ASP A 12 -5.85 31.35 14.59
N TYR A 13 -6.94 30.87 14.05
CA TYR A 13 -7.00 30.21 12.75
C TYR A 13 -6.31 30.99 11.66
N GLY A 14 -6.41 32.30 11.68
CA GLY A 14 -5.80 33.15 10.65
C GLY A 14 -4.46 33.74 10.99
N ALA A 15 -3.81 33.25 12.03
CA ALA A 15 -2.52 33.75 12.49
C ALA A 15 -1.37 33.39 11.57
N LEU A 16 -1.54 32.42 10.70
CA LEU A 16 -0.49 31.99 9.75
C LEU A 16 -0.62 32.68 8.40
N GLU A 17 -1.61 33.53 8.19
CA GLU A 17 -1.76 34.25 6.90
C GLU A 17 -0.57 35.16 6.65
N PRO A 18 -0.19 35.37 5.41
CA PRO A 18 -0.85 34.80 4.23
C PRO A 18 -0.20 33.51 3.78
N HIS A 19 0.64 32.89 4.57
CA HIS A 19 1.32 31.63 4.23
C HIS A 19 0.33 30.49 4.17
N ILE A 20 -0.56 30.40 5.12
CA ILE A 20 -1.62 29.40 5.24
C ILE A 20 -2.93 30.10 5.64
N SER A 21 -3.95 30.04 4.82
CA SER A 21 -5.23 30.67 5.03
C SER A 21 -5.94 30.22 6.28
N GLY A 22 -6.66 31.13 6.90
CA GLY A 22 -7.46 30.90 8.13
C GLY A 22 -8.60 29.96 7.79
N GLN A 23 -9.00 29.98 6.53
CA GLN A 23 -10.08 29.14 5.99
C GLN A 23 -9.66 27.66 6.04
N ILE A 24 -8.46 27.37 5.54
CA ILE A 24 -7.91 26.02 5.54
C ILE A 24 -7.69 25.51 6.95
N ASN A 25 -7.21 26.36 7.84
CA ASN A 25 -6.96 26.09 9.25
C ASN A 25 -8.23 25.70 9.98
N GLU A 26 -9.34 26.41 9.78
CA GLU A 26 -10.58 26.03 10.48
C GLU A 26 -11.09 24.68 9.98
N LEU A 27 -11.14 24.52 8.67
CA LEU A 27 -11.62 23.27 8.06
C LEU A 27 -10.74 22.09 8.51
N HIS A 28 -9.45 22.26 8.37
CA HIS A 28 -8.39 21.31 8.69
C HIS A 28 -8.47 20.81 10.12
N HIS A 29 -8.54 21.74 11.04
CA HIS A 29 -8.62 21.48 12.47
C HIS A 29 -9.98 20.99 12.91
N SER A 30 -10.98 21.83 12.70
CA SER A 30 -12.33 21.56 13.11
C SER A 30 -13.03 20.44 12.40
N LYS A 31 -12.68 20.11 11.17
CA LYS A 31 -13.37 19.05 10.45
C LYS A 31 -12.54 17.80 10.28
N HIS A 32 -11.44 17.89 9.58
CA HIS A 32 -10.52 16.80 9.28
C HIS A 32 -9.91 16.17 10.50
N HIS A 33 -9.18 16.96 11.29
CA HIS A 33 -8.54 16.43 12.50
C HIS A 33 -9.57 15.79 13.43
N ALA A 34 -10.69 16.45 13.62
CA ALA A 34 -11.77 15.98 14.49
C ALA A 34 -12.24 14.59 14.08
N THR A 35 -12.35 14.35 12.80
CA THR A 35 -12.80 13.04 12.28
C THR A 35 -11.77 11.98 12.64
N TYR A 36 -10.49 12.32 12.56
CA TYR A 36 -9.46 11.31 12.90
C TYR A 36 -9.53 10.98 14.39
N VAL A 37 -9.83 11.96 15.23
CA VAL A 37 -9.93 11.77 16.68
C VAL A 37 -11.07 10.82 17.02
N LYS A 38 -12.21 10.99 16.38
CA LYS A 38 -13.40 10.15 16.61
C LYS A 38 -13.19 8.76 16.04
N GLY A 39 -12.53 8.68 14.89
CA GLY A 39 -12.24 7.42 14.22
C GLY A 39 -11.29 6.56 15.04
N ALA A 40 -10.36 7.18 15.74
CA ALA A 40 -9.39 6.46 16.59
C ALA A 40 -10.09 5.94 17.84
N ASN A 41 -10.97 6.74 18.41
CA ASN A 41 -11.73 6.36 19.60
C ASN A 41 -12.72 5.27 19.27
N ASP A 42 -13.28 5.34 18.07
CA ASP A 42 -14.24 4.33 17.58
C ASP A 42 -13.54 2.98 17.39
N ALA A 43 -12.36 2.97 16.81
CA ALA A 43 -11.55 1.78 16.53
C ALA A 43 -11.16 1.07 17.82
N VAL A 44 -10.79 1.86 18.80
CA VAL A 44 -10.39 1.34 20.10
C VAL A 44 -11.57 0.66 20.78
N ALA A 45 -12.76 1.20 20.60
CA ALA A 45 -14.00 0.67 21.17
C ALA A 45 -14.40 -0.64 20.52
N LYS A 46 -14.39 -0.71 19.20
CA LYS A 46 -14.74 -1.94 18.49
C LYS A 46 -13.81 -3.08 18.90
N LEU A 47 -12.56 -2.74 19.11
CA LEU A 47 -11.55 -3.74 19.52
C LEU A 47 -11.87 -4.25 20.93
N GLU A 48 -12.41 -3.39 21.78
CA GLU A 48 -12.79 -3.75 23.16
C GLU A 48 -13.97 -4.74 23.09
N GLU A 49 -14.91 -4.38 22.25
CA GLU A 49 -16.16 -5.12 21.94
C GLU A 49 -15.79 -6.47 21.33
N ALA A 50 -14.82 -6.45 20.42
CA ALA A 50 -14.35 -7.66 19.74
C ALA A 50 -13.79 -8.66 20.73
N ARG A 51 -13.01 -8.17 21.69
CA ARG A 51 -12.38 -8.97 22.72
C ARG A 51 -13.42 -9.50 23.72
N ALA A 52 -14.44 -8.72 23.98
CA ALA A 52 -15.53 -9.06 24.89
C ALA A 52 -16.39 -10.18 24.33
N LYS A 53 -16.72 -10.10 23.06
CA LYS A 53 -17.54 -11.10 22.37
C LYS A 53 -16.67 -12.23 21.84
N GLU A 54 -15.37 -12.12 22.03
CA GLU A 54 -14.39 -13.10 21.56
C GLU A 54 -14.56 -13.35 20.06
N ASP A 55 -14.82 -12.28 19.32
CA ASP A 55 -15.03 -12.39 17.87
C ASP A 55 -14.09 -11.43 17.13
N HIS A 56 -13.08 -11.97 16.48
CA HIS A 56 -12.08 -11.24 15.71
C HIS A 56 -12.19 -11.48 14.22
N SER A 57 -13.41 -11.66 13.74
CA SER A 57 -13.69 -11.92 12.33
C SER A 57 -13.44 -10.69 11.48
N ALA A 58 -13.38 -9.53 12.11
CA ALA A 58 -13.15 -8.25 11.45
C ALA A 58 -11.87 -7.60 11.94
N ILE A 59 -10.94 -8.41 12.42
CA ILE A 59 -9.65 -7.96 12.92
C ILE A 59 -8.87 -7.13 11.89
N LEU A 60 -8.92 -7.49 10.61
CA LEU A 60 -8.17 -6.72 9.60
C LEU A 60 -8.71 -5.30 9.48
N LEU A 61 -10.02 -5.15 9.52
CA LEU A 61 -10.71 -3.86 9.43
C LEU A 61 -10.46 -3.01 10.67
N ASN A 62 -10.62 -3.58 11.85
CA ASN A 62 -10.40 -2.87 13.11
C ASN A 62 -8.96 -2.42 13.25
N GLU A 63 -8.01 -3.23 12.81
CA GLU A 63 -6.58 -2.85 12.90
C GLU A 63 -6.25 -1.77 11.89
N LYS A 64 -6.87 -1.79 10.72
CA LYS A 64 -6.64 -0.76 9.69
C LYS A 64 -7.27 0.56 10.11
N ASN A 65 -8.48 0.54 10.63
CA ASN A 65 -9.16 1.76 11.09
C ASN A 65 -8.38 2.36 12.27
N LEU A 66 -7.83 1.51 13.11
CA LEU A 66 -7.06 1.92 14.29
C LEU A 66 -5.80 2.67 13.86
N ALA A 67 -5.02 2.04 13.01
CA ALA A 67 -3.78 2.57 12.46
C ALA A 67 -3.97 3.86 11.68
N PHE A 68 -4.91 3.90 10.76
CA PHE A 68 -5.20 5.03 9.90
C PHE A 68 -5.64 6.27 10.65
N ASN A 69 -6.56 6.12 11.58
CA ASN A 69 -7.10 7.20 12.39
C ASN A 69 -6.13 7.61 13.49
N LEU A 70 -5.49 6.67 14.16
CA LEU A 70 -4.51 6.96 15.22
C LEU A 70 -3.33 7.72 14.61
N ALA A 71 -2.93 7.32 13.42
CA ALA A 71 -1.83 7.95 12.67
C ALA A 71 -2.28 9.33 12.19
N GLY A 72 -3.51 9.42 11.74
CA GLY A 72 -4.08 10.71 11.30
C GLY A 72 -4.05 11.71 12.47
N HIS A 73 -4.51 11.26 13.61
CA HIS A 73 -4.56 12.07 14.85
C HIS A 73 -3.17 12.46 15.29
N VAL A 74 -2.23 11.52 15.32
CA VAL A 74 -0.86 11.78 15.73
C VAL A 74 -0.15 12.77 14.85
N ASN A 75 -0.25 12.65 13.54
CA ASN A 75 0.38 13.55 12.57
C ASN A 75 -0.13 14.98 12.68
N HIS A 76 -1.41 15.20 12.86
CA HIS A 76 -1.99 16.55 12.95
C HIS A 76 -1.67 17.21 14.27
N THR A 77 -1.62 16.46 15.36
CA THR A 77 -1.29 17.00 16.70
C THR A 77 0.09 17.62 16.65
N ILE A 78 1.03 16.95 16.00
CA ILE A 78 2.41 17.47 15.90
C ILE A 78 2.44 18.62 14.89
N TRP A 79 1.62 18.55 13.87
CA TRP A 79 1.49 19.59 12.82
C TRP A 79 1.14 20.93 13.44
N TRP A 80 0.12 21.00 14.27
CA TRP A 80 -0.32 22.25 14.92
C TRP A 80 0.80 22.84 15.78
N LYS A 81 1.58 22.01 16.44
CA LYS A 81 2.67 22.40 17.31
C LYS A 81 3.90 22.81 16.50
N ASN A 82 4.11 22.22 15.34
CA ASN A 82 5.25 22.54 14.47
C ASN A 82 5.03 23.89 13.77
N LEU A 83 3.82 24.45 13.84
CA LEU A 83 3.58 25.75 13.17
C LEU A 83 3.53 26.90 14.17
N SER A 84 3.91 28.10 13.75
CA SER A 84 3.87 29.26 14.61
C SER A 84 3.88 30.56 13.81
N PRO A 85 3.11 31.55 14.24
CA PRO A 85 3.05 32.85 13.56
C PRO A 85 4.38 33.59 13.76
N ASN A 86 5.03 33.30 14.86
CA ASN A 86 6.32 33.90 15.23
C ASN A 86 7.44 32.94 14.78
N GLY A 87 7.11 32.05 13.88
CA GLY A 87 8.06 31.05 13.39
C GLY A 87 8.84 31.54 12.17
N GLY A 88 9.48 30.59 11.52
CA GLY A 88 10.28 30.86 10.32
C GLY A 88 11.76 30.81 10.65
N ASP A 89 12.55 31.58 9.92
CA ASP A 89 13.99 31.64 10.14
C ASP A 89 14.65 30.27 10.11
N LYS A 90 15.70 30.10 10.88
CA LYS A 90 16.45 28.83 10.92
C LYS A 90 16.56 28.31 12.35
N PRO A 91 16.86 27.03 12.44
CA PRO A 91 17.03 26.40 13.77
C PRO A 91 18.38 26.86 14.36
N THR A 92 18.48 26.84 15.67
CA THR A 92 19.71 27.25 16.36
C THR A 92 20.09 26.20 17.40
N GLY A 93 21.28 26.32 17.93
CA GLY A 93 21.84 25.44 18.96
C GLY A 93 22.10 24.02 18.47
N GLU A 94 21.74 23.06 19.31
CA GLU A 94 21.86 21.62 19.12
C GLU A 94 21.26 21.19 17.78
N LEU A 95 19.98 21.44 17.60
CA LEU A 95 19.21 21.10 16.39
C LEU A 95 19.92 21.58 15.13
N ALA A 96 20.36 22.82 15.10
CA ALA A 96 21.06 23.40 13.95
C ALA A 96 22.29 22.57 13.60
N ALA A 97 23.08 22.25 14.61
CA ALA A 97 24.30 21.47 14.49
C ALA A 97 23.99 20.03 14.10
N ALA A 98 22.92 19.49 14.66
CA ALA A 98 22.46 18.12 14.40
C ALA A 98 22.04 17.95 12.94
N ILE A 99 21.32 18.90 12.42
CA ILE A 99 20.84 18.92 11.03
C ILE A 99 22.00 19.06 10.05
N ALA A 100 22.91 19.96 10.36
CA ALA A 100 24.09 20.18 9.51
C ALA A 100 24.95 18.92 9.48
N ASP A 101 25.06 18.26 10.61
CA ASP A 101 25.81 17.02 10.83
C ASP A 101 25.15 15.85 10.13
N ALA A 102 23.82 15.83 10.10
CA ALA A 102 23.08 14.76 9.46
C ALA A 102 22.76 15.00 8.01
N PHE A 103 22.63 16.22 7.53
CA PHE A 103 22.26 16.49 6.14
C PHE A 103 23.27 17.27 5.36
N GLY A 104 24.36 17.67 5.98
CA GLY A 104 25.42 18.42 5.30
C GLY A 104 25.26 19.90 5.60
N SER A 105 24.05 20.39 5.41
CA SER A 105 23.73 21.79 5.67
C SER A 105 22.21 21.94 5.85
N PHE A 106 21.79 23.07 6.38
CA PHE A 106 20.34 23.32 6.56
C PHE A 106 19.68 23.39 5.19
N ASP A 107 20.37 23.93 4.22
CA ASP A 107 19.85 24.05 2.86
C ASP A 107 19.79 22.69 2.17
N LYS A 108 20.70 21.82 2.52
CA LYS A 108 20.71 20.47 1.88
C LYS A 108 19.55 19.67 2.49
N PHE A 109 19.23 19.99 3.72
CA PHE A 109 18.11 19.36 4.46
C PHE A 109 16.78 19.87 3.88
N ARG A 110 16.73 21.16 3.59
CA ARG A 110 15.53 21.83 3.04
C ARG A 110 15.16 21.19 1.70
N ALA A 111 16.17 21.03 0.85
CA ALA A 111 16.05 20.48 -0.49
C ALA A 111 15.51 19.06 -0.50
N GLN A 112 16.00 18.24 0.41
CA GLN A 112 15.56 16.85 0.49
C GLN A 112 14.13 16.76 1.01
N PHE A 113 13.87 17.50 2.07
CA PHE A 113 12.55 17.58 2.71
C PHE A 113 11.51 18.06 1.70
N HIS A 114 11.89 19.03 0.88
CA HIS A 114 11.01 19.62 -0.15
C HIS A 114 10.71 18.58 -1.23
N ALA A 115 11.74 17.92 -1.71
CA ALA A 115 11.58 16.89 -2.75
C ALA A 115 10.68 15.77 -2.25
N ALA A 116 10.89 15.30 -1.04
CA ALA A 116 10.11 14.21 -0.43
C ALA A 116 8.65 14.60 -0.33
N ALA A 117 8.41 15.84 0.02
CA ALA A 117 7.09 16.44 0.20
C ALA A 117 6.31 16.59 -1.08
N THR A 118 6.97 17.01 -2.14
CA THR A 118 6.35 17.26 -3.44
C THR A 118 6.37 16.08 -4.38
N THR A 119 6.86 14.91 -4.03
CA THR A 119 6.87 13.75 -4.95
C THR A 119 5.94 12.65 -4.49
N VAL A 120 5.14 12.88 -3.47
CA VAL A 120 4.23 11.82 -3.01
C VAL A 120 3.20 11.48 -4.07
N GLN A 121 2.95 10.20 -4.27
CA GLN A 121 1.98 9.76 -5.29
C GLN A 121 0.66 9.40 -4.59
N GLY A 122 -0.10 10.42 -4.33
CA GLY A 122 -1.39 10.37 -3.62
C GLY A 122 -1.26 11.23 -2.36
N SER A 123 -1.88 10.81 -1.29
CA SER A 123 -1.84 11.56 -0.02
C SER A 123 -0.59 11.14 0.76
N GLY A 124 -0.03 12.07 1.52
CA GLY A 124 1.16 11.73 2.31
C GLY A 124 1.69 12.96 3.03
N TRP A 125 2.79 12.76 3.72
CA TRP A 125 3.48 13.77 4.48
C TRP A 125 5.01 13.62 4.27
N ALA A 126 5.69 14.68 4.63
CA ALA A 126 7.16 14.71 4.64
C ALA A 126 7.53 14.68 6.13
N ALA A 127 8.44 13.83 6.57
CA ALA A 127 8.69 13.88 8.03
C ALA A 127 10.15 13.75 8.36
N LEU A 128 10.53 14.50 9.38
CA LEU A 128 11.88 14.49 9.97
C LEU A 128 11.76 13.67 11.28
N GLY A 129 12.45 12.54 11.34
CA GLY A 129 12.31 11.73 12.56
C GLY A 129 13.67 11.34 13.09
N TRP A 130 13.61 10.82 14.29
CA TRP A 130 14.77 10.33 15.06
C TRP A 130 14.74 8.81 15.14
N ASP A 131 15.75 8.18 14.56
CA ASP A 131 15.85 6.71 14.55
C ASP A 131 16.60 6.27 15.81
N THR A 132 15.86 5.75 16.78
CA THR A 132 16.35 5.28 18.06
C THR A 132 17.42 4.22 17.93
N LEU A 133 17.31 3.34 16.96
CA LEU A 133 18.25 2.26 16.71
C LEU A 133 19.63 2.74 16.28
N GLY A 134 19.70 3.39 15.13
CA GLY A 134 20.97 3.90 14.60
C GLY A 134 21.32 5.26 15.18
N ASN A 135 20.44 5.87 15.95
CA ASN A 135 20.65 7.20 16.55
C ASN A 135 21.00 8.20 15.44
N LYS A 136 20.14 8.24 14.44
CA LYS A 136 20.30 9.08 13.26
C LYS A 136 19.07 9.96 13.02
N LEU A 137 19.33 11.13 12.44
CA LEU A 137 18.20 12.04 12.09
C LEU A 137 17.84 11.67 10.62
N LEU A 138 16.60 11.34 10.32
CA LEU A 138 16.29 10.95 8.93
C LEU A 138 14.95 11.56 8.50
N ILE A 139 14.86 11.70 7.19
CA ILE A 139 13.64 12.19 6.52
C ILE A 139 12.92 10.99 5.89
N PHE A 140 11.64 10.85 6.15
CA PHE A 140 10.79 9.79 5.61
C PHE A 140 9.68 10.40 4.75
N GLN A 141 9.29 9.68 3.73
CA GLN A 141 8.19 10.06 2.83
C GLN A 141 7.02 9.12 3.20
N VAL A 142 6.13 9.65 4.00
CA VAL A 142 4.94 9.00 4.52
C VAL A 142 3.81 8.99 3.51
N TYR A 143 3.25 7.81 3.32
CA TYR A 143 2.11 7.62 2.39
C TYR A 143 0.84 7.66 3.28
N ASP A 144 -0.23 8.30 2.85
CA ASP A 144 -1.46 8.36 3.69
C ASP A 144 -1.09 8.92 5.05
N HIS A 145 -1.23 8.18 6.14
CA HIS A 145 -0.79 8.72 7.44
C HIS A 145 0.08 7.69 8.17
N GLN A 146 -0.13 6.42 7.87
CA GLN A 146 0.52 5.29 8.54
C GLN A 146 1.35 4.42 7.67
N THR A 147 2.03 4.93 6.65
CA THR A 147 2.80 4.03 5.76
C THR A 147 4.09 4.65 5.26
N ASN A 148 5.10 3.82 5.09
CA ASN A 148 6.43 4.11 4.60
C ASN A 148 7.43 4.58 5.59
N PHE A 149 7.49 4.03 6.79
CA PHE A 149 8.42 4.38 7.86
C PHE A 149 8.53 3.27 8.88
N PRO A 150 9.63 3.14 9.61
CA PRO A 150 9.75 2.04 10.57
C PRO A 150 9.14 2.36 11.92
N LEU A 151 9.07 1.32 12.72
CA LEU A 151 8.54 1.38 14.10
C LEU A 151 9.63 2.01 15.00
N GLY A 152 9.26 2.69 16.06
CA GLY A 152 10.18 3.30 17.03
C GLY A 152 10.72 4.66 16.63
N ILE A 153 10.31 5.13 15.47
CA ILE A 153 10.75 6.44 14.93
C ILE A 153 10.08 7.59 15.68
N VAL A 154 10.87 8.55 16.16
CA VAL A 154 10.30 9.70 16.89
C VAL A 154 10.14 10.88 15.94
N PRO A 155 8.92 11.27 15.61
CA PRO A 155 8.68 12.38 14.70
C PRO A 155 9.04 13.71 15.33
N LEU A 156 9.73 14.53 14.55
CA LEU A 156 10.18 15.85 14.96
C LEU A 156 9.43 16.98 14.22
N LEU A 157 9.48 16.94 12.91
CA LEU A 157 8.85 17.97 12.03
C LEU A 157 8.04 17.29 10.93
N LEU A 158 6.80 17.67 10.74
CA LEU A 158 5.93 17.09 9.72
C LEU A 158 5.37 18.21 8.80
N LEU A 159 5.19 17.83 7.56
CA LEU A 159 4.66 18.65 6.47
C LEU A 159 3.48 17.87 5.83
N ASP A 160 2.28 18.33 6.09
CA ASP A 160 1.04 17.72 5.56
C ASP A 160 0.96 17.97 4.06
N MET A 161 0.95 16.93 3.25
CA MET A 161 0.87 17.02 1.79
C MET A 161 -0.44 16.47 1.28
N TRP A 162 -1.39 16.31 2.18
CA TRP A 162 -2.74 15.82 1.71
C TRP A 162 -3.32 17.03 0.94
N GLU A 163 -4.04 16.82 -0.13
CA GLU A 163 -4.60 17.89 -0.94
C GLU A 163 -5.42 18.87 -0.14
N HIS A 164 -6.10 18.45 0.90
CA HIS A 164 -6.93 19.32 1.72
C HIS A 164 -6.10 20.29 2.56
N ALA A 165 -4.80 20.10 2.54
CA ALA A 165 -3.92 20.98 3.32
C ALA A 165 -3.59 22.25 2.57
N PHE A 166 -3.71 22.26 1.25
CA PHE A 166 -3.33 23.49 0.53
C PHE A 166 -4.21 23.81 -0.64
N TYR A 167 -5.08 22.93 -1.07
CA TYR A 167 -5.89 23.09 -2.23
C TYR A 167 -6.69 24.35 -2.36
N LEU A 168 -7.40 24.75 -1.32
CA LEU A 168 -8.27 25.93 -1.33
C LEU A 168 -7.52 27.21 -1.72
N GLN A 169 -6.28 27.31 -1.29
CA GLN A 169 -5.42 28.44 -1.46
C GLN A 169 -4.41 28.32 -2.57
N TYR A 170 -3.70 27.21 -2.66
CA TYR A 170 -2.69 27.04 -3.70
C TYR A 170 -3.14 26.22 -4.87
N LYS A 171 -4.34 25.68 -4.82
CA LYS A 171 -4.84 24.84 -5.92
C LYS A 171 -3.89 23.68 -6.19
N ASN A 172 -3.61 23.40 -7.45
CA ASN A 172 -2.72 22.34 -7.89
C ASN A 172 -1.27 22.63 -7.66
N VAL A 173 -0.89 23.85 -7.34
CA VAL A 173 0.52 24.19 -7.14
C VAL A 173 1.00 23.88 -5.75
N LYS A 174 1.24 22.60 -5.49
CA LYS A 174 1.70 22.04 -4.24
C LYS A 174 3.08 22.47 -3.84
N VAL A 175 3.93 22.85 -4.79
CA VAL A 175 5.30 23.26 -4.48
C VAL A 175 5.37 24.66 -3.89
N ASP A 176 4.40 25.49 -4.20
CA ASP A 176 4.36 26.87 -3.68
C ASP A 176 3.97 26.83 -2.20
N PHE A 177 3.13 25.86 -1.89
CA PHE A 177 2.68 25.64 -0.51
C PHE A 177 3.84 25.07 0.31
N ALA A 178 4.55 24.13 -0.28
CA ALA A 178 5.71 23.48 0.37
C ALA A 178 6.77 24.51 0.70
N LYS A 179 6.90 25.50 -0.16
CA LYS A 179 7.87 26.59 0.00
C LYS A 179 7.42 27.57 1.09
N ALA A 180 6.15 27.90 1.14
CA ALA A 180 5.53 28.82 2.09
C ALA A 180 5.66 28.33 3.52
N PHE A 181 5.64 27.03 3.70
CA PHE A 181 5.76 26.28 4.93
C PHE A 181 6.92 26.73 5.81
N TRP A 182 8.12 26.91 5.25
CA TRP A 182 9.30 27.29 6.00
C TRP A 182 9.14 28.62 6.71
N ASN A 183 8.13 29.38 6.32
CA ASN A 183 7.89 30.69 6.93
C ASN A 183 7.16 30.59 8.25
N VAL A 184 6.50 29.48 8.51
CA VAL A 184 5.76 29.35 9.79
C VAL A 184 6.26 28.20 10.62
N VAL A 185 7.46 27.71 10.36
CA VAL A 185 7.98 26.59 11.14
C VAL A 185 8.41 27.01 12.53
N ASN A 186 7.87 26.33 13.52
CA ASN A 186 8.13 26.54 14.95
C ASN A 186 9.34 25.72 15.39
N TRP A 187 10.54 26.21 15.16
CA TRP A 187 11.79 25.56 15.52
C TRP A 187 11.90 25.35 17.02
N ALA A 188 11.20 26.17 17.79
CA ALA A 188 11.26 26.01 19.26
C ALA A 188 10.63 24.67 19.64
N ASP A 189 9.62 24.27 18.90
CA ASP A 189 8.93 22.99 19.12
C ASP A 189 9.79 21.82 18.65
N VAL A 190 10.36 21.92 17.47
CA VAL A 190 11.23 20.87 16.90
C VAL A 190 12.45 20.65 17.76
N GLN A 191 13.05 21.71 18.27
CA GLN A 191 14.24 21.67 19.13
C GLN A 191 13.90 20.94 20.43
N SER A 192 12.70 21.18 20.93
CA SER A 192 12.20 20.58 22.16
C SER A 192 12.00 19.07 21.98
N ARG A 193 11.43 18.70 20.85
CA ARG A 193 11.15 17.30 20.53
C ARG A 193 12.47 16.54 20.34
N TYR A 194 13.42 17.22 19.75
CA TYR A 194 14.74 16.68 19.47
C TYR A 194 15.50 16.38 20.77
N ALA A 195 15.41 17.27 21.73
CA ALA A 195 16.06 17.14 23.04
C ALA A 195 15.45 15.99 23.82
N ALA A 196 14.15 15.82 23.71
CA ALA A 196 13.41 14.74 24.36
C ALA A 196 13.78 13.39 23.73
N ALA A 197 13.92 13.32 22.42
CA ALA A 197 14.24 12.10 21.70
C ALA A 197 15.66 11.62 21.94
N THR A 198 16.61 12.53 22.05
CA THR A 198 18.02 12.18 22.29
C THR A 198 18.31 12.04 23.77
N SER A 199 17.32 12.36 24.58
CA SER A 199 17.43 12.27 26.04
C SER A 199 17.52 10.79 26.44
N ALA B 2 0.62 4.58 -29.71
CA ALA B 2 1.56 5.72 -29.76
C ALA B 2 1.63 6.41 -28.40
N GLU B 3 2.16 7.62 -28.38
CA GLU B 3 2.30 8.41 -27.15
C GLU B 3 0.93 8.51 -26.44
N TYR B 4 0.97 8.69 -25.14
CA TYR B 4 -0.34 8.86 -24.44
C TYR B 4 -0.69 10.35 -24.70
N THR B 5 -1.95 10.67 -24.91
CA THR B 5 -2.30 12.08 -25.16
C THR B 5 -3.47 12.49 -24.28
N LEU B 6 -3.52 13.77 -23.97
CA LEU B 6 -4.64 14.29 -23.13
C LEU B 6 -5.90 14.35 -24.02
N PRO B 7 -6.92 13.56 -23.72
CA PRO B 7 -8.13 13.60 -24.56
C PRO B 7 -8.89 14.90 -24.35
N ASP B 8 -9.51 15.35 -25.42
CA ASP B 8 -10.28 16.61 -25.37
C ASP B 8 -11.59 16.34 -24.62
N LEU B 9 -12.13 17.37 -23.99
CA LEU B 9 -13.42 17.15 -23.29
C LEU B 9 -14.54 17.19 -24.35
N ASP B 10 -15.66 16.57 -24.08
CA ASP B 10 -16.80 16.51 -25.00
C ASP B 10 -17.75 17.68 -24.74
N TRP B 11 -17.52 18.47 -23.71
CA TRP B 11 -18.35 19.61 -23.32
C TRP B 11 -17.50 20.77 -22.83
N ASP B 12 -18.12 21.93 -22.72
CA ASP B 12 -17.35 23.10 -22.19
C ASP B 12 -17.14 22.83 -20.69
N TYR B 13 -16.17 23.47 -20.08
CA TYR B 13 -15.80 23.30 -18.69
C TYR B 13 -16.94 23.41 -17.72
N GLY B 14 -17.87 24.34 -17.92
CA GLY B 14 -18.99 24.50 -17.00
C GLY B 14 -20.27 23.81 -17.38
N ALA B 15 -20.21 22.80 -18.21
CA ALA B 15 -21.34 22.04 -18.69
C ALA B 15 -22.01 21.21 -17.64
N LEU B 16 -21.28 20.81 -16.62
CA LEU B 16 -21.83 19.99 -15.54
C LEU B 16 -22.34 20.80 -14.36
N GLU B 17 -22.28 22.12 -14.32
CA GLU B 17 -22.76 22.91 -13.17
C GLU B 17 -24.25 22.68 -12.97
N PRO B 18 -24.73 22.80 -11.75
CA PRO B 18 -23.96 23.18 -10.57
C PRO B 18 -23.44 21.98 -9.80
N HIS B 19 -23.64 20.78 -10.31
CA HIS B 19 -23.18 19.52 -9.69
C HIS B 19 -21.66 19.50 -9.58
N ILE B 20 -20.97 19.89 -10.64
CA ILE B 20 -19.51 19.96 -10.73
C ILE B 20 -19.11 21.31 -11.33
N SER B 21 -18.39 22.14 -10.60
CA SER B 21 -17.94 23.46 -11.03
C SER B 21 -16.99 23.40 -12.21
N GLY B 22 -17.13 24.36 -13.10
CA GLY B 22 -16.31 24.50 -14.32
C GLY B 22 -14.87 24.78 -13.89
N GLN B 23 -14.76 25.41 -12.74
CA GLN B 23 -13.45 25.76 -12.15
C GLN B 23 -12.68 24.49 -11.83
N ILE B 24 -13.37 23.52 -11.27
CA ILE B 24 -12.74 22.23 -10.93
C ILE B 24 -12.41 21.47 -12.22
N ASN B 25 -13.32 21.48 -13.18
CA ASN B 25 -13.09 20.79 -14.44
C ASN B 25 -11.89 21.38 -15.18
N GLU B 26 -11.74 22.68 -15.19
CA GLU B 26 -10.60 23.30 -15.90
C GLU B 26 -9.29 22.86 -15.30
N LEU B 27 -9.16 23.00 -14.00
CA LEU B 27 -7.95 22.63 -13.25
C LEU B 27 -7.70 21.11 -13.36
N HIS B 28 -8.76 20.35 -13.16
CA HIS B 28 -8.76 18.88 -13.17
C HIS B 28 -8.19 18.36 -14.48
N HIS B 29 -8.72 18.91 -15.56
CA HIS B 29 -8.34 18.52 -16.91
C HIS B 29 -6.99 19.01 -17.35
N SER B 30 -6.84 20.31 -17.39
CA SER B 30 -5.67 21.02 -17.84
C SER B 30 -4.47 20.95 -16.94
N LYS B 31 -4.62 20.60 -15.67
CA LYS B 31 -3.46 20.53 -14.77
C LYS B 31 -3.16 19.10 -14.35
N HIS B 32 -3.98 18.50 -13.53
CA HIS B 32 -3.92 17.17 -12.96
C HIS B 32 -3.82 16.06 -13.98
N HIS B 33 -4.79 15.97 -14.88
CA HIS B 33 -4.81 14.93 -15.92
C HIS B 33 -3.65 15.08 -16.87
N ALA B 34 -3.34 16.29 -17.31
CA ALA B 34 -2.22 16.51 -18.25
C ALA B 34 -0.92 16.08 -17.60
N THR B 35 -0.84 16.22 -16.30
CA THR B 35 0.37 15.82 -15.55
C THR B 35 0.55 14.32 -15.59
N TYR B 36 -0.52 13.55 -15.55
CA TYR B 36 -0.40 12.07 -15.58
C TYR B 36 0.04 11.60 -16.97
N VAL B 37 -0.47 12.22 -18.01
CA VAL B 37 -0.14 11.87 -19.40
C VAL B 37 1.33 12.04 -19.64
N LYS B 38 1.85 13.16 -19.18
CA LYS B 38 3.29 13.49 -19.30
C LYS B 38 4.10 12.45 -18.54
N GLY B 39 3.70 12.18 -17.32
CA GLY B 39 4.35 11.19 -16.45
C GLY B 39 4.31 9.79 -17.07
N ALA B 40 3.20 9.42 -17.70
CA ALA B 40 3.10 8.07 -18.30
C ALA B 40 4.07 7.92 -19.46
N ASN B 41 4.21 8.98 -20.24
CA ASN B 41 5.09 9.00 -21.42
C ASN B 41 6.54 8.98 -20.98
N ASP B 42 6.83 9.73 -19.92
CA ASP B 42 8.19 9.82 -19.36
C ASP B 42 8.61 8.49 -18.76
N ALA B 43 7.67 7.82 -18.11
CA ALA B 43 7.97 6.52 -17.48
C ALA B 43 8.34 5.50 -18.54
N VAL B 44 7.62 5.55 -19.64
CA VAL B 44 7.83 4.64 -20.76
C VAL B 44 9.18 4.91 -21.42
N ALA B 45 9.57 6.16 -21.44
CA ALA B 45 10.84 6.63 -22.01
C ALA B 45 12.02 6.23 -21.16
N LYS B 46 11.89 6.29 -19.84
CA LYS B 46 12.95 5.94 -18.89
C LYS B 46 13.20 4.42 -18.95
N LEU B 47 12.14 3.68 -19.22
CA LEU B 47 12.23 2.21 -19.36
C LEU B 47 12.98 1.86 -20.66
N GLU B 48 12.72 2.61 -21.72
CA GLU B 48 13.39 2.38 -23.02
C GLU B 48 14.92 2.58 -22.82
N GLU B 49 15.27 3.65 -22.15
CA GLU B 49 16.64 4.03 -21.83
C GLU B 49 17.32 2.96 -20.97
N ALA B 50 16.63 2.52 -19.95
CA ALA B 50 17.12 1.48 -19.03
C ALA B 50 17.45 0.20 -19.78
N ARG B 51 16.57 -0.22 -20.66
CA ARG B 51 16.76 -1.44 -21.46
C ARG B 51 17.93 -1.27 -22.44
N ALA B 52 18.13 -0.06 -22.93
CA ALA B 52 19.19 0.26 -23.89
C ALA B 52 20.56 0.27 -23.22
N LYS B 53 20.61 0.74 -22.00
CA LYS B 53 21.82 0.83 -21.18
C LYS B 53 22.05 -0.49 -20.41
N GLU B 54 21.06 -1.37 -20.45
CA GLU B 54 21.18 -2.66 -19.72
C GLU B 54 21.41 -2.37 -18.23
N ASP B 55 20.70 -1.37 -17.75
CA ASP B 55 20.75 -0.87 -16.37
C ASP B 55 19.36 -0.78 -15.78
N HIS B 56 19.03 -1.73 -14.91
CA HIS B 56 17.72 -1.76 -14.26
C HIS B 56 17.86 -1.55 -12.77
N SER B 57 18.79 -0.68 -12.36
CA SER B 57 19.02 -0.41 -10.95
C SER B 57 17.84 0.35 -10.35
N ALA B 58 17.06 1.00 -11.20
CA ALA B 58 15.90 1.78 -10.75
C ALA B 58 14.60 1.19 -11.26
N ILE B 59 14.54 -0.10 -11.49
CA ILE B 59 13.34 -0.80 -11.97
C ILE B 59 12.15 -0.55 -11.07
N LEU B 60 12.31 -0.62 -9.76
CA LEU B 60 11.19 -0.41 -8.82
C LEU B 60 10.56 0.97 -9.03
N LEU B 61 11.39 1.97 -9.11
CA LEU B 61 10.94 3.36 -9.31
C LEU B 61 10.25 3.51 -10.67
N ASN B 62 10.83 2.96 -11.71
CA ASN B 62 10.31 3.05 -13.08
C ASN B 62 8.96 2.35 -13.21
N GLU B 63 8.83 1.22 -12.56
CA GLU B 63 7.61 0.43 -12.60
C GLU B 63 6.50 1.11 -11.80
N LYS B 64 6.87 1.82 -10.75
CA LYS B 64 5.89 2.53 -9.89
C LYS B 64 5.41 3.79 -10.62
N ASN B 65 6.35 4.48 -11.25
CA ASN B 65 6.03 5.71 -12.00
C ASN B 65 5.14 5.37 -13.19
N LEU B 66 5.40 4.20 -13.77
CA LEU B 66 4.60 3.73 -14.93
C LEU B 66 3.18 3.40 -14.47
N ALA B 67 3.07 2.61 -13.40
CA ALA B 67 1.74 2.21 -12.91
C ALA B 67 0.94 3.38 -12.40
N PHE B 68 1.57 4.23 -11.61
CA PHE B 68 0.89 5.39 -11.02
C PHE B 68 0.38 6.35 -12.08
N ASN B 69 1.20 6.77 -13.02
CA ASN B 69 0.81 7.70 -14.08
C ASN B 69 -0.07 7.11 -15.12
N LEU B 70 0.18 5.89 -15.56
CA LEU B 70 -0.70 5.30 -16.62
C LEU B 70 -2.10 5.08 -16.04
N ALA B 71 -2.17 4.69 -14.79
CA ALA B 71 -3.44 4.43 -14.09
C ALA B 71 -4.20 5.74 -13.89
N GLY B 72 -3.48 6.78 -13.54
CA GLY B 72 -4.03 8.13 -13.37
C GLY B 72 -4.60 8.57 -14.71
N HIS B 73 -3.81 8.37 -15.76
CA HIS B 73 -4.25 8.71 -17.12
C HIS B 73 -5.46 7.89 -17.52
N VAL B 74 -5.42 6.59 -17.31
CA VAL B 74 -6.54 5.73 -17.69
C VAL B 74 -7.79 6.07 -16.93
N ASN B 75 -7.70 6.26 -15.63
CA ASN B 75 -8.82 6.57 -14.74
C ASN B 75 -9.51 7.85 -15.14
N HIS B 76 -8.73 8.89 -15.42
CA HIS B 76 -9.25 10.18 -15.83
C HIS B 76 -9.81 10.15 -17.24
N THR B 77 -9.27 9.34 -18.14
CA THR B 77 -9.81 9.27 -19.52
C THR B 77 -11.23 8.70 -19.49
N ILE B 78 -11.53 7.74 -18.64
CA ILE B 78 -12.87 7.16 -18.53
C ILE B 78 -13.80 8.12 -17.78
N TRP B 79 -13.30 8.80 -16.77
CA TRP B 79 -14.00 9.80 -15.93
C TRP B 79 -14.69 10.82 -16.83
N TRP B 80 -13.96 11.50 -17.71
CA TRP B 80 -14.50 12.51 -18.61
C TRP B 80 -15.57 11.97 -19.53
N LYS B 81 -15.49 10.72 -19.99
CA LYS B 81 -16.49 10.12 -20.88
C LYS B 81 -17.71 9.66 -20.08
N ASN B 82 -17.55 9.39 -18.81
CA ASN B 82 -18.58 8.92 -17.88
C ASN B 82 -19.49 10.06 -17.43
N LEU B 83 -19.13 11.29 -17.70
CA LEU B 83 -19.87 12.49 -17.34
C LEU B 83 -20.55 13.14 -18.53
N SER B 84 -21.76 13.66 -18.33
CA SER B 84 -22.52 14.32 -19.41
C SER B 84 -23.56 15.26 -18.83
N PRO B 85 -23.76 16.41 -19.45
CA PRO B 85 -24.77 17.37 -18.94
C PRO B 85 -26.18 16.87 -19.27
N ASN B 86 -26.32 15.97 -20.21
CA ASN B 86 -27.60 15.38 -20.66
C ASN B 86 -27.70 13.95 -20.10
N GLY B 87 -27.01 13.79 -19.00
CA GLY B 87 -26.85 12.59 -18.19
C GLY B 87 -27.87 12.52 -17.07
N GLY B 88 -27.59 11.71 -16.06
CA GLY B 88 -28.55 11.59 -14.94
C GLY B 88 -29.56 10.50 -15.28
N ASP B 89 -30.70 10.49 -14.62
CA ASP B 89 -31.71 9.44 -14.96
C ASP B 89 -31.21 8.12 -14.33
N LYS B 90 -31.50 7.06 -15.05
CA LYS B 90 -31.14 5.67 -14.71
C LYS B 90 -30.71 4.95 -15.99
N PRO B 91 -29.94 3.88 -15.85
CA PRO B 91 -29.54 3.16 -17.08
C PRO B 91 -30.74 2.39 -17.62
N THR B 92 -30.67 2.04 -18.90
CA THR B 92 -31.73 1.28 -19.56
C THR B 92 -31.11 0.13 -20.37
N GLY B 93 -31.95 -0.83 -20.72
CA GLY B 93 -31.53 -2.00 -21.51
C GLY B 93 -30.79 -3.03 -20.67
N GLU B 94 -29.83 -3.66 -21.32
CA GLU B 94 -28.93 -4.69 -20.80
C GLU B 94 -28.34 -4.26 -19.45
N LEU B 95 -27.73 -3.09 -19.48
CA LEU B 95 -27.07 -2.47 -18.33
C LEU B 95 -28.01 -2.42 -17.13
N ALA B 96 -29.22 -1.94 -17.36
CA ALA B 96 -30.24 -1.83 -16.32
C ALA B 96 -30.56 -3.22 -15.73
N ALA B 97 -30.78 -4.19 -16.59
CA ALA B 97 -31.07 -5.58 -16.19
C ALA B 97 -29.87 -6.22 -15.51
N ALA B 98 -28.69 -6.00 -16.05
CA ALA B 98 -27.41 -6.51 -15.58
C ALA B 98 -27.13 -6.00 -14.17
N ILE B 99 -27.31 -4.69 -13.99
CA ILE B 99 -27.11 -4.05 -12.70
C ILE B 99 -28.12 -4.56 -11.67
N ALA B 100 -29.38 -4.66 -12.08
CA ALA B 100 -30.47 -5.14 -11.23
C ALA B 100 -30.26 -6.60 -10.83
N ASP B 101 -29.79 -7.39 -11.78
CA ASP B 101 -29.58 -8.82 -11.55
C ASP B 101 -28.26 -9.11 -10.88
N ALA B 102 -27.45 -8.10 -10.58
CA ALA B 102 -26.16 -8.28 -9.93
C ALA B 102 -26.08 -7.58 -8.59
N PHE B 103 -26.91 -6.60 -8.34
CA PHE B 103 -26.90 -5.86 -7.07
C PHE B 103 -28.27 -5.87 -6.42
N GLY B 104 -29.22 -6.54 -7.05
CA GLY B 104 -30.60 -6.65 -6.55
C GLY B 104 -31.47 -5.64 -7.29
N SER B 105 -31.06 -4.39 -7.15
CA SER B 105 -31.73 -3.25 -7.78
C SER B 105 -30.71 -2.16 -8.09
N PHE B 106 -31.18 -1.11 -8.74
CA PHE B 106 -30.33 0.02 -9.08
C PHE B 106 -29.96 0.78 -7.79
N ASP B 107 -30.93 0.95 -6.92
CA ASP B 107 -30.74 1.65 -5.65
C ASP B 107 -29.75 0.92 -4.75
N LYS B 108 -29.83 -0.40 -4.75
CA LYS B 108 -28.91 -1.21 -3.94
C LYS B 108 -27.49 -1.05 -4.51
N PHE B 109 -27.40 -0.90 -5.82
CA PHE B 109 -26.11 -0.73 -6.51
C PHE B 109 -25.50 0.63 -6.13
N ARG B 110 -26.34 1.64 -6.20
CA ARG B 110 -26.03 3.04 -5.91
C ARG B 110 -25.57 3.21 -4.47
N ALA B 111 -26.22 2.54 -3.54
CA ALA B 111 -25.89 2.60 -2.11
C ALA B 111 -24.53 2.02 -1.82
N GLN B 112 -24.19 0.94 -2.51
CA GLN B 112 -22.88 0.28 -2.31
C GLN B 112 -21.79 1.11 -2.94
N PHE B 113 -22.07 1.62 -4.12
CA PHE B 113 -21.09 2.45 -4.87
C PHE B 113 -20.77 3.70 -4.02
N HIS B 114 -21.80 4.26 -3.44
CA HIS B 114 -21.73 5.45 -2.59
C HIS B 114 -20.92 5.19 -1.33
N ALA B 115 -21.11 4.01 -0.77
CA ALA B 115 -20.40 3.60 0.44
C ALA B 115 -18.93 3.33 0.14
N ALA B 116 -18.65 2.78 -1.04
CA ALA B 116 -17.25 2.49 -1.42
C ALA B 116 -16.52 3.78 -1.73
N ALA B 117 -17.22 4.74 -2.30
CA ALA B 117 -16.69 6.02 -2.69
C ALA B 117 -16.37 6.92 -1.52
N THR B 118 -17.20 6.90 -0.49
CA THR B 118 -17.00 7.76 0.66
C THR B 118 -16.21 7.15 1.78
N THR B 119 -15.78 5.89 1.75
CA THR B 119 -15.01 5.36 2.90
C THR B 119 -13.57 5.14 2.54
N VAL B 120 -13.08 5.71 1.45
CA VAL B 120 -11.66 5.52 1.10
C VAL B 120 -10.77 6.20 2.13
N GLN B 121 -9.70 5.53 2.54
CA GLN B 121 -8.75 6.04 3.54
C GLN B 121 -7.54 6.64 2.86
N GLY B 122 -7.75 7.80 2.27
CA GLY B 122 -6.81 8.61 1.52
C GLY B 122 -7.43 8.87 0.15
N SER B 123 -6.58 9.03 -0.84
CA SER B 123 -7.04 9.27 -2.22
C SER B 123 -7.54 7.94 -2.82
N GLY B 124 -8.53 8.01 -3.70
CA GLY B 124 -9.02 6.77 -4.34
C GLY B 124 -10.20 7.06 -5.23
N TRP B 125 -10.82 5.99 -5.67
CA TRP B 125 -11.98 6.01 -6.55
C TRP B 125 -12.91 4.81 -6.18
N ALA B 126 -14.12 4.95 -6.69
CA ALA B 126 -15.13 3.88 -6.59
C ALA B 126 -15.25 3.35 -8.04
N ALA B 127 -15.35 2.05 -8.27
CA ALA B 127 -15.43 1.67 -9.69
C ALA B 127 -16.29 0.47 -9.93
N LEU B 128 -17.06 0.60 -10.99
CA LEU B 128 -17.92 -0.50 -11.46
C LEU B 128 -17.07 -1.23 -12.54
N GLY B 129 -16.79 -2.50 -12.32
CA GLY B 129 -15.97 -3.22 -13.30
C GLY B 129 -16.61 -4.53 -13.70
N TRP B 130 -16.10 -5.02 -14.82
CA TRP B 130 -16.56 -6.30 -15.36
C TRP B 130 -15.44 -7.34 -15.23
N ASP B 131 -15.71 -8.39 -14.49
CA ASP B 131 -14.75 -9.50 -14.27
C ASP B 131 -14.96 -10.56 -15.35
N THR B 132 -13.94 -10.79 -16.14
CA THR B 132 -13.91 -11.74 -17.22
C THR B 132 -13.80 -13.18 -16.80
N LEU B 133 -13.15 -13.49 -15.69
CA LEU B 133 -13.02 -14.91 -15.26
C LEU B 133 -14.38 -15.41 -14.73
N GLY B 134 -15.00 -14.61 -13.87
CA GLY B 134 -16.29 -14.94 -13.27
C GLY B 134 -17.49 -14.47 -14.05
N ASN B 135 -17.32 -13.53 -14.96
CA ASN B 135 -18.45 -13.01 -15.75
C ASN B 135 -19.48 -12.36 -14.82
N LYS B 136 -19.01 -11.47 -13.96
CA LYS B 136 -19.85 -10.76 -13.00
C LYS B 136 -19.56 -9.25 -13.04
N LEU B 137 -20.61 -8.53 -12.67
CA LEU B 137 -20.47 -7.04 -12.57
C LEU B 137 -20.02 -6.84 -11.08
N LEU B 138 -18.92 -6.16 -10.87
CA LEU B 138 -18.48 -5.98 -9.47
C LEU B 138 -18.06 -4.53 -9.22
N ILE B 139 -18.20 -4.14 -7.98
CA ILE B 139 -17.77 -2.79 -7.55
C ILE B 139 -16.44 -2.94 -6.80
N PHE B 140 -15.47 -2.07 -7.06
CA PHE B 140 -14.18 -2.13 -6.40
C PHE B 140 -13.87 -0.80 -5.72
N GLN B 141 -13.08 -0.87 -4.69
CA GLN B 141 -12.69 0.39 -3.99
C GLN B 141 -11.19 0.59 -4.23
N VAL B 142 -10.88 1.45 -5.18
CA VAL B 142 -9.55 1.80 -5.63
C VAL B 142 -8.84 2.78 -4.74
N TYR B 143 -7.64 2.43 -4.32
CA TYR B 143 -6.78 3.29 -3.50
C TYR B 143 -5.87 4.06 -4.50
N ASP B 144 -5.69 5.35 -4.34
CA ASP B 144 -4.84 6.12 -5.30
C ASP B 144 -5.41 5.93 -6.71
N HIS B 145 -4.70 5.31 -7.63
CA HIS B 145 -5.19 5.07 -8.98
C HIS B 145 -4.98 3.60 -9.38
N GLN B 146 -3.94 2.98 -8.85
CA GLN B 146 -3.50 1.64 -9.24
C GLN B 146 -3.58 0.59 -8.20
N THR B 147 -4.46 0.70 -7.22
CA THR B 147 -4.40 -0.37 -6.19
C THR B 147 -5.77 -0.81 -5.74
N ASN B 148 -5.87 -2.07 -5.31
CA ASN B 148 -7.03 -2.72 -4.76
C ASN B 148 -8.00 -3.29 -5.74
N PHE B 149 -7.51 -3.98 -6.76
CA PHE B 149 -8.33 -4.60 -7.80
C PHE B 149 -7.49 -5.58 -8.59
N PRO B 150 -8.07 -6.60 -9.20
CA PRO B 150 -7.29 -7.57 -9.96
C PRO B 150 -7.05 -7.17 -11.39
N LEU B 151 -6.14 -7.91 -12.00
CA LEU B 151 -5.78 -7.74 -13.42
C LEU B 151 -6.94 -8.24 -14.31
N GLY B 152 -7.15 -7.62 -15.46
CA GLY B 152 -8.17 -8.02 -16.41
C GLY B 152 -9.52 -7.40 -16.20
N ILE B 153 -9.70 -6.69 -15.09
CA ILE B 153 -11.01 -6.04 -14.84
C ILE B 153 -11.26 -4.92 -15.85
N VAL B 154 -12.42 -4.94 -16.47
CA VAL B 154 -12.75 -3.86 -17.45
C VAL B 154 -13.55 -2.80 -16.72
N PRO B 155 -13.04 -1.58 -16.64
CA PRO B 155 -13.74 -0.49 -15.95
C PRO B 155 -14.92 -0.01 -16.77
N LEU B 156 -16.03 0.22 -16.09
CA LEU B 156 -17.27 0.66 -16.76
C LEU B 156 -17.65 2.08 -16.31
N LEU B 157 -17.64 2.31 -15.01
CA LEU B 157 -18.03 3.59 -14.40
C LEU B 157 -17.10 3.88 -13.20
N LEU B 158 -16.54 5.07 -13.20
CA LEU B 158 -15.62 5.49 -12.15
C LEU B 158 -16.08 6.81 -11.47
N LEU B 159 -15.77 6.89 -10.20
CA LEU B 159 -16.06 8.05 -9.35
C LEU B 159 -14.76 8.47 -8.65
N ASP B 160 -14.18 9.57 -9.10
CA ASP B 160 -12.94 10.13 -8.57
C ASP B 160 -13.18 10.73 -7.17
N MET B 161 -12.59 10.10 -6.17
CA MET B 161 -12.72 10.53 -4.78
C MET B 161 -11.48 11.19 -4.26
N TRP B 162 -10.61 11.66 -5.13
CA TRP B 162 -9.39 12.38 -4.69
C TRP B 162 -9.90 13.79 -4.27
N GLU B 163 -9.32 14.39 -3.25
CA GLU B 163 -9.74 15.68 -2.74
C GLU B 163 -9.83 16.76 -3.78
N HIS B 164 -8.90 16.81 -4.73
CA HIS B 164 -8.94 17.83 -5.78
C HIS B 164 -10.14 17.77 -6.66
N ALA B 165 -10.88 16.66 -6.63
CA ALA B 165 -12.05 16.51 -7.46
C ALA B 165 -13.28 17.17 -6.85
N PHE B 166 -13.24 17.47 -5.56
CA PHE B 166 -14.41 18.07 -4.93
C PHE B 166 -14.08 19.18 -3.97
N TYR B 167 -12.86 19.35 -3.50
CA TYR B 167 -12.48 20.34 -2.53
C TYR B 167 -12.86 21.76 -2.74
N LEU B 168 -12.66 22.34 -3.92
CA LEU B 168 -12.97 23.74 -4.16
C LEU B 168 -14.45 24.06 -3.99
N GLN B 169 -15.29 23.13 -4.40
CA GLN B 169 -16.73 23.22 -4.37
C GLN B 169 -17.39 22.70 -3.12
N TYR B 170 -17.05 21.51 -2.67
CA TYR B 170 -17.73 20.94 -1.50
C TYR B 170 -16.88 20.92 -0.26
N LYS B 171 -15.62 21.32 -0.39
CA LYS B 171 -14.71 21.33 0.76
C LYS B 171 -14.57 19.94 1.34
N ASN B 172 -14.79 19.80 2.64
CA ASN B 172 -14.68 18.53 3.34
C ASN B 172 -15.87 17.62 3.21
N VAL B 173 -17.01 18.10 2.74
CA VAL B 173 -18.23 17.29 2.60
C VAL B 173 -18.27 16.52 1.30
N LYS B 174 -17.46 15.48 1.21
CA LYS B 174 -17.37 14.62 0.06
C LYS B 174 -18.59 13.80 -0.20
N VAL B 175 -19.34 13.43 0.85
CA VAL B 175 -20.54 12.61 0.56
C VAL B 175 -21.54 13.42 -0.23
N ASP B 176 -21.43 14.74 -0.17
CA ASP B 176 -22.34 15.65 -0.90
C ASP B 176 -21.96 15.66 -2.38
N PHE B 177 -20.68 15.50 -2.63
CA PHE B 177 -20.10 15.44 -3.99
C PHE B 177 -20.45 14.08 -4.61
N ALA B 178 -20.41 13.01 -3.82
CA ALA B 178 -20.73 11.67 -4.28
C ALA B 178 -22.18 11.55 -4.69
N LYS B 179 -23.06 12.32 -4.07
CA LYS B 179 -24.50 12.34 -4.33
C LYS B 179 -24.81 13.11 -5.61
N ALA B 180 -24.17 14.24 -5.79
CA ALA B 180 -24.32 15.11 -6.95
C ALA B 180 -23.87 14.40 -8.23
N PHE B 181 -22.90 13.52 -8.12
CA PHE B 181 -22.28 12.73 -9.18
C PHE B 181 -23.33 12.03 -10.04
N TRP B 182 -24.34 11.46 -9.42
CA TRP B 182 -25.44 10.72 -10.02
C TRP B 182 -26.25 11.52 -11.00
N ASN B 183 -26.27 12.84 -10.90
CA ASN B 183 -27.01 13.73 -11.79
C ASN B 183 -26.28 13.92 -13.12
N VAL B 184 -25.01 13.62 -13.20
CA VAL B 184 -24.26 13.85 -14.45
C VAL B 184 -23.67 12.59 -15.03
N VAL B 185 -24.07 11.42 -14.55
CA VAL B 185 -23.48 10.20 -15.14
C VAL B 185 -24.03 9.99 -16.55
N ASN B 186 -23.14 9.71 -17.46
CA ASN B 186 -23.45 9.45 -18.90
C ASN B 186 -23.61 7.94 -19.09
N TRP B 187 -24.81 7.45 -18.83
CA TRP B 187 -25.22 6.07 -18.92
C TRP B 187 -25.08 5.51 -20.31
N ALA B 188 -25.11 6.38 -21.32
CA ALA B 188 -24.95 5.90 -22.70
C ALA B 188 -23.52 5.38 -22.88
N ASP B 189 -22.59 5.98 -22.17
CA ASP B 189 -21.17 5.61 -22.21
C ASP B 189 -20.95 4.30 -21.45
N VAL B 190 -21.55 4.20 -20.27
CA VAL B 190 -21.43 2.99 -19.43
C VAL B 190 -22.06 1.79 -20.13
N GLN B 191 -23.18 2.01 -20.78
CA GLN B 191 -23.93 0.97 -21.52
C GLN B 191 -23.04 0.47 -22.68
N SER B 192 -22.35 1.38 -23.31
CA SER B 192 -21.42 1.18 -24.42
C SER B 192 -20.21 0.35 -24.01
N ARG B 193 -19.67 0.66 -22.86
CA ARG B 193 -18.50 -0.05 -22.29
C ARG B 193 -18.90 -1.47 -21.87
N TYR B 194 -20.10 -1.60 -21.35
CA TYR B 194 -20.66 -2.87 -20.86
C TYR B 194 -20.88 -3.82 -22.02
N ALA B 195 -21.33 -3.30 -23.14
CA ALA B 195 -21.60 -4.07 -24.36
C ALA B 195 -20.32 -4.63 -24.94
N ALA B 196 -19.28 -3.82 -24.90
CA ALA B 196 -17.96 -4.18 -25.43
C ALA B 196 -17.27 -5.18 -24.51
N ALA B 197 -17.47 -5.05 -23.22
CA ALA B 197 -16.87 -5.95 -22.22
C ALA B 197 -17.47 -7.33 -22.31
N THR B 198 -18.75 -7.43 -22.62
CA THR B 198 -19.43 -8.73 -22.71
C THR B 198 -19.26 -9.33 -24.09
N SER B 199 -19.20 -8.51 -25.13
CA SER B 199 -19.01 -9.01 -26.50
C SER B 199 -17.65 -9.71 -26.59
N ALA C 2 27.48 5.34 13.38
CA ALA C 2 28.11 4.43 12.43
C ALA C 2 27.06 3.74 11.57
N GLU C 3 27.53 2.82 10.75
CA GLU C 3 26.66 2.04 9.86
C GLU C 3 25.75 1.13 10.71
N TYR C 4 24.79 0.53 10.02
CA TYR C 4 23.89 -0.40 10.74
C TYR C 4 24.61 -1.76 10.75
N THR C 5 24.39 -2.57 11.75
CA THR C 5 25.06 -3.87 11.80
C THR C 5 24.07 -4.99 12.15
N LEU C 6 24.48 -6.15 11.69
CA LEU C 6 23.69 -7.39 11.94
C LEU C 6 24.08 -7.83 13.38
N PRO C 7 23.12 -7.83 14.29
CA PRO C 7 23.42 -8.21 15.67
C PRO C 7 23.63 -9.70 15.80
N ASP C 8 24.31 -10.07 16.87
CA ASP C 8 24.58 -11.50 17.15
C ASP C 8 23.40 -12.11 17.90
N LEU C 9 23.18 -13.38 17.66
CA LEU C 9 22.07 -14.08 18.37
C LEU C 9 22.55 -14.34 19.82
N ASP C 10 21.66 -14.30 20.79
CA ASP C 10 22.03 -14.55 22.20
C ASP C 10 21.91 -16.05 22.49
N TRP C 11 21.69 -16.79 21.43
CA TRP C 11 21.53 -18.24 21.51
C TRP C 11 21.93 -18.92 20.20
N ASP C 12 22.16 -20.21 20.26
CA ASP C 12 22.54 -21.03 19.08
C ASP C 12 21.32 -21.13 18.15
N TYR C 13 21.55 -21.22 16.86
CA TYR C 13 20.51 -21.31 15.83
C TYR C 13 19.49 -22.38 16.12
N GLY C 14 19.88 -23.49 16.72
CA GLY C 14 18.94 -24.59 17.00
C GLY C 14 18.41 -24.62 18.42
N ALA C 15 18.67 -23.59 19.21
CA ALA C 15 18.19 -23.54 20.60
C ALA C 15 16.69 -23.48 20.71
N LEU C 16 15.98 -23.03 19.68
CA LEU C 16 14.52 -22.90 19.74
C LEU C 16 13.79 -24.14 19.33
N GLU C 17 14.46 -25.17 18.82
CA GLU C 17 13.75 -26.40 18.39
C GLU C 17 13.05 -27.01 19.59
N PRO C 18 11.95 -27.69 19.38
CA PRO C 18 11.35 -27.95 18.08
C PRO C 18 10.37 -26.89 17.65
N HIS C 19 10.15 -25.85 18.42
CA HIS C 19 9.21 -24.77 18.08
C HIS C 19 9.61 -24.05 16.82
N ILE C 20 10.89 -23.81 16.67
CA ILE C 20 11.43 -23.14 15.46
C ILE C 20 12.71 -23.83 15.03
N SER C 21 12.75 -24.38 13.83
CA SER C 21 13.93 -25.08 13.33
C SER C 21 15.15 -24.19 13.23
N GLY C 22 16.31 -24.79 13.45
CA GLY C 22 17.62 -24.14 13.40
C GLY C 22 17.99 -23.72 11.99
N GLN C 23 17.45 -24.45 11.03
CA GLN C 23 17.67 -24.19 9.60
C GLN C 23 17.02 -22.86 9.22
N ILE C 24 15.82 -22.63 9.71
CA ILE C 24 15.08 -21.38 9.45
C ILE C 24 15.81 -20.22 10.14
N ASN C 25 16.19 -20.43 11.40
CA ASN C 25 16.90 -19.41 12.16
C ASN C 25 18.18 -19.00 11.46
N GLU C 26 18.90 -19.96 10.90
CA GLU C 26 20.16 -19.68 10.19
C GLU C 26 19.93 -18.83 8.96
N LEU C 27 19.06 -19.28 8.08
CA LEU C 27 18.75 -18.58 6.83
C LEU C 27 18.24 -17.15 7.15
N HIS C 28 17.27 -17.10 8.03
CA HIS C 28 16.58 -15.93 8.51
C HIS C 28 17.53 -14.83 8.93
N HIS C 29 18.48 -15.22 9.74
CA HIS C 29 19.51 -14.40 10.32
C HIS C 29 20.62 -14.01 9.38
N SER C 30 21.38 -14.97 8.90
CA SER C 30 22.51 -14.81 8.02
C SER C 30 22.15 -14.39 6.62
N LYS C 31 20.96 -14.66 6.13
CA LYS C 31 20.59 -14.26 4.78
C LYS C 31 19.59 -13.12 4.74
N HIS C 32 18.38 -13.32 5.25
CA HIS C 32 17.35 -12.29 5.21
C HIS C 32 17.71 -11.03 5.98
N HIS C 33 17.93 -11.16 7.26
CA HIS C 33 18.25 -10.00 8.11
C HIS C 33 19.46 -9.26 7.60
N ALA C 34 20.50 -10.01 7.24
CA ALA C 34 21.72 -9.39 6.72
C ALA C 34 21.44 -8.55 5.48
N THR C 35 20.46 -8.93 4.68
CA THR C 35 20.06 -8.23 3.47
C THR C 35 19.48 -6.85 3.79
N TYR C 36 18.69 -6.75 4.85
CA TYR C 36 18.06 -5.49 5.26
C TYR C 36 19.11 -4.53 5.81
N VAL C 37 20.09 -5.06 6.52
CA VAL C 37 21.18 -4.25 7.09
C VAL C 37 21.98 -3.63 5.95
N LYS C 38 22.34 -4.45 4.98
CA LYS C 38 23.07 -3.97 3.79
C LYS C 38 22.18 -2.99 3.04
N GLY C 39 20.88 -3.24 2.97
CA GLY C 39 19.98 -2.34 2.25
C GLY C 39 19.79 -0.99 2.93
N ALA C 40 19.79 -0.94 4.24
CA ALA C 40 19.59 0.36 4.94
C ALA C 40 20.84 1.22 4.82
N ASN C 41 22.00 0.58 4.85
CA ASN C 41 23.30 1.24 4.73
C ASN C 41 23.47 1.79 3.32
N ASP C 42 22.90 1.07 2.37
CA ASP C 42 22.99 1.48 0.98
C ASP C 42 22.06 2.66 0.70
N ALA C 43 20.89 2.63 1.31
CA ALA C 43 19.89 3.69 1.14
C ALA C 43 20.40 5.00 1.74
N VAL C 44 20.98 4.86 2.92
CA VAL C 44 21.56 6.00 3.66
C VAL C 44 22.66 6.64 2.83
N ALA C 45 23.54 5.82 2.28
CA ALA C 45 24.64 6.31 1.43
C ALA C 45 24.08 6.96 0.17
N LYS C 46 23.09 6.36 -0.45
CA LYS C 46 22.45 6.87 -1.65
C LYS C 46 21.92 8.28 -1.43
N LEU C 47 21.36 8.52 -0.26
CA LEU C 47 20.79 9.83 0.11
C LEU C 47 21.91 10.84 0.36
N GLU C 48 23.05 10.38 0.84
CA GLU C 48 24.21 11.24 1.12
C GLU C 48 24.72 11.80 -0.22
N GLU C 49 24.83 10.90 -1.18
CA GLU C 49 25.31 11.20 -2.53
C GLU C 49 24.32 12.13 -3.23
N ALA C 50 23.03 11.91 -3.02
CA ALA C 50 21.99 12.73 -3.64
C ALA C 50 22.08 14.16 -3.13
N ARG C 51 22.38 14.31 -1.86
CA ARG C 51 22.52 15.60 -1.19
C ARG C 51 23.81 16.28 -1.63
N ALA C 52 24.85 15.49 -1.83
CA ALA C 52 26.15 16.01 -2.28
C ALA C 52 26.09 16.48 -3.72
N LYS C 53 25.35 15.77 -4.56
CA LYS C 53 25.19 16.08 -5.98
C LYS C 53 24.03 17.05 -6.19
N GLU C 54 23.30 17.39 -5.14
CA GLU C 54 22.13 18.29 -5.21
C GLU C 54 21.14 17.74 -6.24
N ASP C 55 20.96 16.44 -6.24
CA ASP C 55 20.07 15.75 -7.20
C ASP C 55 19.11 14.82 -6.49
N HIS C 56 17.83 15.17 -6.46
CA HIS C 56 16.81 14.38 -5.80
C HIS C 56 15.79 13.83 -6.78
N SER C 57 16.26 13.47 -7.97
CA SER C 57 15.42 12.93 -9.01
C SER C 57 14.85 11.57 -8.63
N ALA C 58 15.58 10.85 -7.80
CA ALA C 58 15.13 9.53 -7.36
C ALA C 58 14.74 9.54 -5.89
N ILE C 59 14.22 10.67 -5.39
CA ILE C 59 13.82 10.82 -4.00
C ILE C 59 12.80 9.78 -3.57
N LEU C 60 11.85 9.42 -4.44
CA LEU C 60 10.81 8.44 -4.09
C LEU C 60 11.41 7.07 -3.82
N LEU C 61 12.34 6.66 -4.65
CA LEU C 61 13.02 5.36 -4.56
C LEU C 61 13.92 5.29 -3.34
N ASN C 62 14.66 6.35 -3.07
CA ASN C 62 15.58 6.37 -1.94
C ASN C 62 14.84 6.33 -0.61
N GLU C 63 13.69 6.99 -0.57
CA GLU C 63 12.89 7.02 0.67
C GLU C 63 12.21 5.68 0.90
N LYS C 64 11.88 4.96 -0.14
CA LYS C 64 11.21 3.66 -0.12
C LYS C 64 12.20 2.57 0.30
N ASN C 65 13.39 2.63 -0.27
CA ASN C 65 14.48 1.68 0.03
C ASN C 65 14.92 1.86 1.48
N LEU C 66 14.96 3.10 1.93
CA LEU C 66 15.34 3.43 3.30
C LEU C 66 14.28 2.90 4.28
N ALA C 67 13.03 3.27 4.08
CA ALA C 67 11.93 2.83 4.93
C ALA C 67 11.82 1.31 4.99
N PHE C 68 11.81 0.63 3.86
CA PHE C 68 11.70 -0.81 3.76
C PHE C 68 12.83 -1.57 4.41
N ASN C 69 14.05 -1.20 4.11
CA ASN C 69 15.22 -1.89 4.68
C ASN C 69 15.46 -1.52 6.12
N LEU C 70 15.28 -0.27 6.49
CA LEU C 70 15.51 0.10 7.92
C LEU C 70 14.45 -0.59 8.80
N ALA C 71 13.22 -0.65 8.32
CA ALA C 71 12.13 -1.30 9.06
C ALA C 71 12.35 -2.81 9.12
N GLY C 72 12.92 -3.34 8.05
CA GLY C 72 13.19 -4.79 8.04
C GLY C 72 14.24 -5.05 9.11
N HIS C 73 15.22 -4.18 9.17
CA HIS C 73 16.32 -4.26 10.13
C HIS C 73 15.84 -4.04 11.55
N VAL C 74 14.94 -3.10 11.76
CA VAL C 74 14.38 -2.79 13.06
C VAL C 74 13.49 -3.89 13.61
N ASN C 75 12.67 -4.49 12.77
CA ASN C 75 11.76 -5.56 13.15
C ASN C 75 12.51 -6.84 13.51
N HIS C 76 13.49 -7.24 12.72
CA HIS C 76 14.24 -8.47 13.00
C HIS C 76 15.12 -8.33 14.21
N THR C 77 15.63 -7.13 14.42
CA THR C 77 16.49 -6.89 15.60
C THR C 77 15.66 -7.13 16.88
N ILE C 78 14.42 -6.69 16.86
CA ILE C 78 13.56 -6.85 18.05
C ILE C 78 13.10 -8.29 18.19
N TRP C 79 12.86 -8.90 17.05
CA TRP C 79 12.42 -10.30 16.92
C TRP C 79 13.40 -11.26 17.58
N TRP C 80 14.70 -11.12 17.36
CA TRP C 80 15.75 -11.96 17.92
C TRP C 80 15.76 -11.89 19.46
N LYS C 81 15.56 -10.71 20.00
CA LYS C 81 15.53 -10.40 21.42
C LYS C 81 14.22 -10.82 22.08
N ASN C 82 13.16 -10.97 21.33
CA ASN C 82 11.84 -11.37 21.86
C ASN C 82 11.76 -12.90 21.98
N LEU C 83 12.77 -13.62 21.52
CA LEU C 83 12.83 -15.08 21.55
C LEU C 83 13.88 -15.57 22.56
N SER C 84 13.60 -16.73 23.12
CA SER C 84 14.51 -17.37 24.10
C SER C 84 14.16 -18.85 24.24
N PRO C 85 15.19 -19.68 24.40
CA PRO C 85 14.96 -21.12 24.56
C PRO C 85 14.43 -21.40 25.97
N ASN C 86 14.68 -20.45 26.84
CA ASN C 86 14.26 -20.52 28.25
C ASN C 86 13.20 -19.46 28.52
N GLY C 87 12.24 -19.44 27.61
CA GLY C 87 11.16 -18.46 27.75
C GLY C 87 9.82 -19.19 27.56
N GLY C 88 8.87 -18.33 27.26
CA GLY C 88 7.47 -18.64 27.00
C GLY C 88 6.71 -18.64 28.32
N ASP C 89 5.53 -19.23 28.20
CA ASP C 89 4.62 -19.35 29.32
C ASP C 89 4.04 -18.07 29.76
N LYS C 90 4.34 -17.32 30.83
CA LYS C 90 3.53 -16.07 30.94
C LYS C 90 4.33 -14.95 31.58
N PRO C 91 3.94 -13.71 31.30
CA PRO C 91 4.61 -12.52 31.85
C PRO C 91 4.12 -12.26 33.27
N THR C 92 4.89 -11.50 34.03
CA THR C 92 4.59 -11.18 35.42
C THR C 92 4.85 -9.70 35.73
N GLY C 93 4.43 -9.33 36.93
CA GLY C 93 4.54 -8.00 37.51
C GLY C 93 3.82 -6.91 36.73
N GLU C 94 4.55 -5.87 36.39
CA GLU C 94 4.17 -4.68 35.66
C GLU C 94 3.44 -4.97 34.36
N LEU C 95 4.10 -5.61 33.40
CA LEU C 95 3.44 -5.90 32.15
C LEU C 95 2.25 -6.84 32.29
N ALA C 96 2.34 -7.84 33.15
CA ALA C 96 1.23 -8.79 33.34
C ALA C 96 -0.04 -8.03 33.73
N ALA C 97 0.13 -7.02 34.56
CA ALA C 97 -0.95 -6.14 35.03
C ALA C 97 -1.38 -5.21 33.90
N ALA C 98 -0.42 -4.62 33.21
CA ALA C 98 -0.68 -3.71 32.10
C ALA C 98 -1.41 -4.40 30.97
N ILE C 99 -1.06 -5.64 30.67
CA ILE C 99 -1.70 -6.41 29.60
C ILE C 99 -3.13 -6.76 29.93
N ALA C 100 -3.38 -7.19 31.15
CA ALA C 100 -4.76 -7.57 31.56
C ALA C 100 -5.63 -6.33 31.60
N ASP C 101 -5.02 -5.21 31.97
CA ASP C 101 -5.80 -3.96 32.01
C ASP C 101 -6.06 -3.47 30.59
N ALA C 102 -5.10 -3.62 29.69
CA ALA C 102 -5.26 -3.17 28.31
C ALA C 102 -6.09 -4.09 27.47
N PHE C 103 -6.12 -5.38 27.75
CA PHE C 103 -6.90 -6.29 26.88
C PHE C 103 -7.87 -7.14 27.66
N GLY C 104 -8.00 -6.93 28.95
CA GLY C 104 -8.91 -7.69 29.80
C GLY C 104 -8.24 -8.86 30.49
N SER C 105 -7.42 -9.59 29.75
CA SER C 105 -6.70 -10.77 30.24
C SER C 105 -5.57 -11.10 29.27
N PHE C 106 -4.66 -11.94 29.72
CA PHE C 106 -3.53 -12.35 28.86
C PHE C 106 -4.07 -13.19 27.70
N ASP C 107 -5.05 -14.01 28.01
CA ASP C 107 -5.72 -14.90 27.05
C ASP C 107 -6.47 -14.10 25.99
N LYS C 108 -7.09 -12.98 26.38
CA LYS C 108 -7.84 -12.13 25.43
C LYS C 108 -6.84 -11.38 24.56
N PHE C 109 -5.70 -11.07 25.16
CA PHE C 109 -4.59 -10.35 24.50
C PHE C 109 -4.00 -11.28 23.42
N ARG C 110 -3.75 -12.51 23.82
CA ARG C 110 -3.20 -13.60 23.02
C ARG C 110 -4.06 -13.91 21.81
N ALA C 111 -5.36 -13.93 21.99
CA ALA C 111 -6.34 -14.19 20.93
C ALA C 111 -6.32 -13.12 19.86
N GLN C 112 -6.29 -11.85 20.22
CA GLN C 112 -6.28 -10.76 19.23
C GLN C 112 -4.94 -10.71 18.50
N PHE C 113 -3.89 -11.03 19.23
CA PHE C 113 -2.52 -11.03 18.66
C PHE C 113 -2.43 -12.10 17.58
N HIS C 114 -2.97 -13.25 17.92
CA HIS C 114 -3.02 -14.46 17.06
C HIS C 114 -3.83 -14.17 15.81
N ALA C 115 -4.96 -13.50 15.99
CA ALA C 115 -5.88 -13.12 14.92
C ALA C 115 -5.23 -12.09 13.99
N ALA C 116 -4.50 -11.15 14.55
CA ALA C 116 -3.80 -10.12 13.76
C ALA C 116 -2.67 -10.76 12.97
N ALA C 117 -1.94 -11.68 13.58
CA ALA C 117 -0.83 -12.36 12.93
C ALA C 117 -1.23 -13.23 11.77
N THR C 118 -2.29 -14.02 11.91
CA THR C 118 -2.73 -14.96 10.91
C THR C 118 -3.68 -14.42 9.89
N THR C 119 -3.99 -13.13 9.84
CA THR C 119 -4.95 -12.69 8.81
C THR C 119 -4.34 -11.67 7.87
N VAL C 120 -3.01 -11.56 7.89
CA VAL C 120 -2.39 -10.56 6.98
C VAL C 120 -2.50 -11.06 5.54
N GLN C 121 -2.77 -10.12 4.65
CA GLN C 121 -2.93 -10.35 3.21
C GLN C 121 -1.64 -10.03 2.48
N GLY C 122 -0.70 -10.93 2.63
CA GLY C 122 0.66 -10.88 2.06
C GLY C 122 1.66 -11.01 3.20
N SER C 123 2.81 -10.41 3.05
CA SER C 123 3.85 -10.44 4.10
C SER C 123 3.50 -9.42 5.19
N GLY C 124 3.80 -9.71 6.44
CA GLY C 124 3.48 -8.76 7.51
C GLY C 124 3.93 -9.28 8.86
N TRP C 125 3.54 -8.56 9.89
CA TRP C 125 3.84 -8.85 11.28
C TRP C 125 2.58 -8.57 12.15
N ALA C 126 2.67 -9.08 13.34
CA ALA C 126 1.71 -8.87 14.43
C ALA C 126 2.52 -8.04 15.46
N ALA C 127 2.06 -6.88 15.91
CA ALA C 127 2.98 -6.18 16.83
C ALA C 127 2.29 -5.57 18.01
N LEU C 128 2.95 -5.67 19.14
CA LEU C 128 2.43 -5.06 20.38
C LEU C 128 3.25 -3.77 20.62
N GLY C 129 2.60 -2.63 20.74
CA GLY C 129 3.41 -1.42 20.95
C GLY C 129 2.79 -0.46 21.96
N TRP C 130 3.61 0.47 22.38
CA TRP C 130 3.25 1.52 23.33
C TRP C 130 2.94 2.81 22.57
N ASP C 131 1.72 3.28 22.74
CA ASP C 131 1.36 4.56 22.06
C ASP C 131 1.67 5.69 23.06
N THR C 132 2.63 6.53 22.76
CA THR C 132 3.04 7.65 23.63
C THR C 132 1.97 8.71 23.79
N LEU C 133 1.20 8.96 22.75
CA LEU C 133 0.14 9.96 22.69
C LEU C 133 -1.00 9.66 23.64
N GLY C 134 -1.55 8.46 23.57
CA GLY C 134 -2.66 8.09 24.45
C GLY C 134 -2.20 7.29 25.66
N ASN C 135 -0.95 6.91 25.71
CA ASN C 135 -0.38 6.11 26.82
C ASN C 135 -1.17 4.81 26.95
N LYS C 136 -1.39 4.17 25.82
CA LYS C 136 -2.14 2.92 25.74
C LYS C 136 -1.29 1.81 25.09
N LEU C 137 -1.56 0.60 25.53
CA LEU C 137 -0.89 -0.59 24.96
C LEU C 137 -1.81 -1.03 23.76
N LEU C 138 -1.25 -1.11 22.57
CA LEU C 138 -2.10 -1.52 21.43
C LEU C 138 -1.38 -2.58 20.60
N ILE C 139 -2.18 -3.32 19.87
CA ILE C 139 -1.69 -4.35 18.93
C ILE C 139 -1.87 -3.78 17.50
N PHE C 140 -0.88 -3.92 16.65
CA PHE C 140 -0.94 -3.45 15.28
C PHE C 140 -0.69 -4.59 14.28
N GLN C 141 -1.38 -4.52 13.15
CA GLN C 141 -1.20 -5.50 12.06
C GLN C 141 -0.37 -4.81 10.97
N VAL C 142 0.92 -5.09 11.00
CA VAL C 142 1.90 -4.53 10.08
C VAL C 142 1.91 -5.23 8.74
N TYR C 143 1.88 -4.41 7.71
CA TYR C 143 1.93 -4.88 6.32
C TYR C 143 3.42 -4.84 5.91
N ASP C 144 3.96 -5.87 5.31
CA ASP C 144 5.42 -5.86 4.96
C ASP C 144 6.25 -5.63 6.20
N HIS C 145 6.97 -4.53 6.25
CA HIS C 145 7.78 -4.22 7.43
C HIS C 145 7.45 -2.79 7.94
N GLN C 146 7.14 -1.92 7.00
CA GLN C 146 6.91 -0.51 7.26
C GLN C 146 5.54 0.01 7.01
N THR C 147 4.46 -0.72 7.24
CA THR C 147 3.14 -0.14 6.92
C THR C 147 2.06 -0.57 7.90
N ASN C 148 1.09 0.31 8.08
CA ASN C 148 -0.09 0.14 8.88
C ASN C 148 0.03 0.44 10.34
N PHE C 149 0.71 1.50 10.73
CA PHE C 149 0.88 1.89 12.12
C PHE C 149 1.32 3.34 12.20
N PRO C 150 1.11 4.01 13.33
CA PRO C 150 1.49 5.40 13.46
C PRO C 150 2.95 5.61 13.84
N LEU C 151 3.37 6.85 13.67
CA LEU C 151 4.72 7.31 14.03
C LEU C 151 4.80 7.46 15.57
N GLY C 152 5.93 7.17 16.16
CA GLY C 152 6.11 7.29 17.61
C GLY C 152 5.74 6.04 18.38
N ILE C 153 5.28 5.00 17.71
CA ILE C 153 4.89 3.77 18.42
C ILE C 153 6.15 3.02 18.87
N VAL C 154 6.22 2.67 20.14
CA VAL C 154 7.40 1.90 20.63
C VAL C 154 7.08 0.41 20.58
N PRO C 155 7.76 -0.33 19.71
CA PRO C 155 7.48 -1.77 19.60
C PRO C 155 7.96 -2.52 20.82
N LEU C 156 7.13 -3.44 21.31
CA LEU C 156 7.44 -4.24 22.50
C LEU C 156 7.59 -5.72 22.12
N LEU C 157 6.64 -6.25 21.36
CA LEU C 157 6.67 -7.67 20.96
C LEU C 157 6.23 -7.82 19.50
N LEU C 158 7.06 -8.48 18.72
CA LEU C 158 6.82 -8.72 17.30
C LEU C 158 6.74 -10.23 16.99
N LEU C 159 5.88 -10.55 16.06
CA LEU C 159 5.63 -11.88 15.51
C LEU C 159 5.73 -11.78 13.96
N ASP C 160 6.83 -12.25 13.41
CA ASP C 160 7.10 -12.22 11.95
C ASP C 160 6.21 -13.22 11.23
N MET C 161 5.39 -12.74 10.33
CA MET C 161 4.46 -13.49 9.52
C MET C 161 4.84 -13.56 8.07
N TRP C 162 6.06 -13.20 7.72
CA TRP C 162 6.54 -13.31 6.30
C TRP C 162 6.65 -14.85 6.08
N GLU C 163 6.32 -15.34 4.91
CA GLU C 163 6.35 -16.77 4.63
C GLU C 163 7.68 -17.40 4.94
N HIS C 164 8.77 -16.66 4.78
CA HIS C 164 10.11 -17.18 5.02
C HIS C 164 10.38 -17.48 6.48
N ALA C 165 9.48 -17.03 7.33
CA ALA C 165 9.64 -17.21 8.77
C ALA C 165 9.19 -18.57 9.24
N PHE C 166 8.36 -19.26 8.50
CA PHE C 166 7.88 -20.58 8.96
C PHE C 166 7.67 -21.55 7.84
N TYR C 167 7.76 -21.16 6.58
CA TYR C 167 7.53 -22.06 5.49
C TYR C 167 8.23 -23.37 5.47
N LEU C 168 9.55 -23.39 5.61
CA LEU C 168 10.34 -24.61 5.57
C LEU C 168 9.83 -25.67 6.55
N GLN C 169 9.42 -25.25 7.73
CA GLN C 169 8.94 -26.09 8.82
C GLN C 169 7.48 -26.39 8.82
N TYR C 170 6.63 -25.37 8.87
CA TYR C 170 5.19 -25.52 8.92
C TYR C 170 4.54 -25.50 7.56
N LYS C 171 5.30 -25.20 6.52
CA LYS C 171 4.68 -25.14 5.19
C LYS C 171 3.59 -24.10 5.15
N ASN C 172 2.41 -24.46 4.65
CA ASN C 172 1.31 -23.52 4.55
C ASN C 172 0.58 -23.30 5.84
N VAL C 173 0.73 -24.17 6.82
CA VAL C 173 -0.02 -24.02 8.10
C VAL C 173 0.66 -23.00 9.00
N LYS C 174 0.36 -21.74 8.76
CA LYS C 174 0.89 -20.60 9.48
C LYS C 174 0.29 -20.43 10.85
N VAL C 175 -0.90 -20.97 11.08
CA VAL C 175 -1.49 -20.80 12.44
C VAL C 175 -0.78 -21.70 13.44
N ASP C 176 -0.26 -22.83 12.97
CA ASP C 176 0.48 -23.77 13.83
C ASP C 176 1.80 -23.13 14.25
N PHE C 177 2.30 -22.24 13.40
CA PHE C 177 3.57 -21.54 13.71
C PHE C 177 3.26 -20.39 14.67
N ALA C 178 2.15 -19.72 14.43
CA ALA C 178 1.67 -18.59 15.26
C ALA C 178 1.43 -19.06 16.70
N LYS C 179 0.98 -20.30 16.86
CA LYS C 179 0.71 -20.97 18.12
C LYS C 179 2.01 -21.39 18.81
N ALA C 180 2.93 -22.00 18.08
CA ALA C 180 4.22 -22.46 18.60
C ALA C 180 5.09 -21.31 19.05
N PHE C 181 4.81 -20.09 18.63
CA PHE C 181 5.56 -18.88 18.97
C PHE C 181 5.54 -18.59 20.46
N TRP C 182 4.41 -18.79 21.12
CA TRP C 182 4.21 -18.54 22.53
C TRP C 182 5.11 -19.34 23.45
N ASN C 183 5.70 -20.39 22.94
CA ASN C 183 6.59 -21.26 23.72
C ASN C 183 7.99 -20.70 23.79
N VAL C 184 8.31 -19.74 22.94
CA VAL C 184 9.69 -19.20 22.96
C VAL C 184 9.72 -17.71 23.18
N VAL C 185 8.63 -17.11 23.61
CA VAL C 185 8.67 -15.66 23.85
C VAL C 185 9.49 -15.34 25.08
N ASN C 186 10.35 -14.35 24.95
CA ASN C 186 11.20 -13.95 26.10
C ASN C 186 10.56 -12.75 26.80
N TRP C 187 9.68 -13.03 27.73
CA TRP C 187 8.91 -12.10 28.53
C TRP C 187 9.76 -11.07 29.21
N ALA C 188 10.99 -11.44 29.55
CA ALA C 188 11.89 -10.51 30.25
C ALA C 188 12.24 -9.35 29.31
N ASP C 189 12.50 -9.66 28.06
CA ASP C 189 12.84 -8.64 27.04
C ASP C 189 11.65 -7.70 26.84
N VAL C 190 10.47 -8.27 26.70
CA VAL C 190 9.27 -7.43 26.52
C VAL C 190 9.04 -6.60 27.78
N GLN C 191 9.15 -7.23 28.93
CA GLN C 191 8.95 -6.54 30.23
C GLN C 191 9.89 -5.34 30.33
N SER C 192 11.09 -5.52 29.84
CA SER C 192 12.16 -4.54 29.80
C SER C 192 11.86 -3.42 28.81
N ARG C 193 11.29 -3.75 27.68
CA ARG C 193 10.95 -2.76 26.65
C ARG C 193 9.78 -1.89 27.10
N TYR C 194 8.91 -2.44 27.92
CA TYR C 194 7.73 -1.77 28.47
C TYR C 194 8.08 -0.74 29.52
N ALA C 195 9.02 -1.04 30.39
CA ALA C 195 9.43 -0.09 31.46
C ALA C 195 10.13 1.11 30.83
N ALA C 196 10.94 0.82 29.84
CA ALA C 196 11.67 1.87 29.13
C ALA C 196 10.70 2.76 28.34
N ALA C 197 9.66 2.17 27.78
CA ALA C 197 8.65 2.90 27.00
C ALA C 197 7.81 3.78 27.91
N THR C 198 7.54 3.31 29.12
CA THR C 198 6.75 4.04 30.11
C THR C 198 7.59 5.08 30.82
N SER C 199 8.90 4.95 30.76
CA SER C 199 9.84 5.88 31.39
C SER C 199 9.76 7.26 30.74
N ALA D 2 -19.81 -17.36 -13.18
CA ALA D 2 -20.50 -18.02 -12.06
C ALA D 2 -19.62 -18.00 -10.81
N GLU D 3 -19.91 -18.93 -9.92
CA GLU D 3 -19.16 -19.08 -8.64
C GLU D 3 -17.69 -19.34 -8.98
N TYR D 4 -16.74 -18.86 -8.22
CA TYR D 4 -15.33 -19.13 -8.62
C TYR D 4 -14.97 -20.56 -8.26
N THR D 5 -14.18 -21.21 -9.08
CA THR D 5 -13.76 -22.59 -8.88
C THR D 5 -12.25 -22.76 -9.09
N LEU D 6 -11.71 -23.75 -8.42
CA LEU D 6 -10.28 -24.13 -8.48
C LEU D 6 -10.02 -24.88 -9.78
N PRO D 7 -9.26 -24.33 -10.71
CA PRO D 7 -9.05 -25.03 -11.97
C PRO D 7 -8.12 -26.22 -11.83
N ASP D 8 -8.33 -27.17 -12.72
CA ASP D 8 -7.54 -28.41 -12.79
C ASP D 8 -6.25 -28.15 -13.58
N LEU D 9 -5.15 -28.69 -13.11
CA LEU D 9 -3.85 -28.53 -13.77
C LEU D 9 -3.78 -29.39 -15.03
N ASP D 10 -3.11 -28.91 -16.06
CA ASP D 10 -2.98 -29.61 -17.34
C ASP D 10 -1.82 -30.60 -17.32
N TRP D 11 -1.14 -30.71 -16.19
CA TRP D 11 0.00 -31.63 -16.08
C TRP D 11 0.09 -32.18 -14.66
N ASP D 12 0.92 -33.18 -14.46
CA ASP D 12 1.14 -33.80 -13.13
C ASP D 12 2.02 -32.83 -12.30
N TYR D 13 1.76 -32.73 -11.01
CA TYR D 13 2.46 -31.90 -10.05
C TYR D 13 3.97 -31.90 -10.25
N GLY D 14 4.56 -33.05 -10.53
CA GLY D 14 6.01 -33.13 -10.72
C GLY D 14 6.44 -33.11 -12.18
N ALA D 15 5.66 -32.53 -13.07
CA ALA D 15 5.99 -32.47 -14.49
C ALA D 15 6.94 -31.35 -14.82
N LEU D 16 7.09 -30.41 -13.91
CA LEU D 16 7.96 -29.25 -14.08
C LEU D 16 9.34 -29.48 -13.48
N GLU D 17 9.55 -30.59 -12.81
CA GLU D 17 10.86 -30.90 -12.20
C GLU D 17 11.91 -30.98 -13.31
N PRO D 18 13.14 -30.58 -13.09
CA PRO D 18 13.66 -30.07 -11.83
C PRO D 18 13.51 -28.57 -11.66
N HIS D 19 12.93 -27.83 -12.58
CA HIS D 19 12.79 -26.37 -12.45
C HIS D 19 11.92 -25.99 -11.28
N ILE D 20 10.77 -26.64 -11.16
CA ILE D 20 9.84 -26.38 -10.05
C ILE D 20 9.43 -27.72 -9.43
N SER D 21 9.72 -27.91 -8.16
CA SER D 21 9.41 -29.12 -7.43
C SER D 21 7.93 -29.45 -7.44
N GLY D 22 7.64 -30.74 -7.36
CA GLY D 22 6.26 -31.24 -7.34
C GLY D 22 5.65 -30.91 -5.99
N GLN D 23 6.49 -30.92 -4.98
CA GLN D 23 6.14 -30.62 -3.59
C GLN D 23 5.49 -29.24 -3.48
N ILE D 24 6.11 -28.23 -4.08
CA ILE D 24 5.61 -26.86 -4.11
C ILE D 24 4.31 -26.76 -4.92
N ASN D 25 4.30 -27.35 -6.11
CA ASN D 25 3.15 -27.37 -7.01
C ASN D 25 1.91 -27.90 -6.31
N GLU D 26 2.09 -28.94 -5.51
CA GLU D 26 1.00 -29.58 -4.77
C GLU D 26 0.39 -28.61 -3.75
N LEU D 27 1.24 -28.15 -2.85
CA LEU D 27 0.84 -27.20 -1.78
C LEU D 27 0.28 -25.93 -2.42
N HIS D 28 0.98 -25.45 -3.43
CA HIS D 28 0.63 -24.23 -4.15
C HIS D 28 -0.79 -24.29 -4.69
N HIS D 29 -1.09 -25.37 -5.37
CA HIS D 29 -2.38 -25.63 -5.99
C HIS D 29 -3.48 -26.00 -5.03
N SER D 30 -3.36 -27.12 -4.36
CA SER D 30 -4.36 -27.64 -3.45
C SER D 30 -4.51 -26.90 -2.15
N LYS D 31 -3.51 -26.15 -1.71
CA LYS D 31 -3.57 -25.43 -0.45
C LYS D 31 -3.75 -23.93 -0.66
N HIS D 32 -2.74 -23.26 -1.17
CA HIS D 32 -2.71 -21.84 -1.42
C HIS D 32 -3.78 -21.34 -2.35
N HIS D 33 -3.79 -21.82 -3.58
CA HIS D 33 -4.75 -21.41 -4.58
C HIS D 33 -6.19 -21.68 -4.15
N ALA D 34 -6.46 -22.84 -3.57
CA ALA D 34 -7.80 -23.20 -3.12
C ALA D 34 -8.32 -22.21 -2.07
N THR D 35 -7.41 -21.68 -1.29
CA THR D 35 -7.75 -20.70 -0.26
C THR D 35 -8.29 -19.42 -0.85
N TYR D 36 -7.75 -18.97 -1.98
CA TYR D 36 -8.26 -17.73 -2.59
C TYR D 36 -9.60 -17.96 -3.27
N VAL D 37 -9.82 -19.15 -3.81
CA VAL D 37 -11.11 -19.40 -4.50
C VAL D 37 -12.24 -19.35 -3.47
N LYS D 38 -11.98 -19.86 -2.29
CA LYS D 38 -12.96 -19.88 -1.20
C LYS D 38 -13.17 -18.45 -0.70
N GLY D 39 -12.06 -17.74 -0.55
CA GLY D 39 -12.07 -16.35 -0.09
C GLY D 39 -12.79 -15.45 -1.09
N ALA D 40 -12.66 -15.72 -2.37
CA ALA D 40 -13.34 -14.94 -3.43
C ALA D 40 -14.84 -15.19 -3.39
N ASN D 41 -15.25 -16.44 -3.24
CA ASN D 41 -16.65 -16.82 -3.16
C ASN D 41 -17.31 -16.27 -1.90
N ASP D 42 -16.58 -16.30 -0.80
CA ASP D 42 -17.12 -15.79 0.47
C ASP D 42 -17.28 -14.27 0.41
N ALA D 43 -16.31 -13.61 -0.20
CA ALA D 43 -16.29 -12.14 -0.35
C ALA D 43 -17.54 -11.69 -1.13
N VAL D 44 -17.84 -12.43 -2.18
CA VAL D 44 -18.99 -12.15 -3.05
C VAL D 44 -20.29 -12.40 -2.29
N ALA D 45 -20.31 -13.33 -1.36
CA ALA D 45 -21.45 -13.70 -0.54
C ALA D 45 -21.70 -12.68 0.56
N LYS D 46 -20.67 -12.17 1.18
CA LYS D 46 -20.78 -11.17 2.25
C LYS D 46 -21.33 -9.86 1.71
N LEU D 47 -20.99 -9.57 0.46
CA LEU D 47 -21.44 -8.34 -0.21
C LEU D 47 -22.93 -8.45 -0.57
N GLU D 48 -23.38 -9.64 -0.90
CA GLU D 48 -24.78 -9.92 -1.26
C GLU D 48 -25.67 -9.64 -0.04
N GLU D 49 -25.18 -10.09 1.09
CA GLU D 49 -25.78 -9.97 2.41
C GLU D 49 -25.83 -8.50 2.83
N ALA D 50 -24.74 -7.81 2.65
CA ALA D 50 -24.63 -6.38 2.99
C ALA D 50 -25.67 -5.56 2.24
N ARG D 51 -25.86 -5.85 0.97
CA ARG D 51 -26.84 -5.18 0.14
C ARG D 51 -28.26 -5.55 0.55
N ALA D 52 -28.48 -6.80 0.89
CA ALA D 52 -29.79 -7.32 1.30
C ALA D 52 -30.24 -6.71 2.62
N LYS D 53 -29.35 -6.69 3.59
CA LYS D 53 -29.60 -6.12 4.92
C LYS D 53 -29.43 -4.61 4.87
N GLU D 54 -28.95 -4.11 3.74
CA GLU D 54 -28.72 -2.67 3.53
C GLU D 54 -27.85 -2.12 4.66
N ASP D 55 -26.73 -2.77 4.85
CA ASP D 55 -25.74 -2.43 5.90
C ASP D 55 -24.32 -2.56 5.31
N HIS D 56 -23.73 -1.43 4.98
CA HIS D 56 -22.40 -1.33 4.39
C HIS D 56 -21.38 -0.77 5.35
N SER D 57 -21.54 -1.08 6.62
CA SER D 57 -20.62 -0.58 7.65
C SER D 57 -19.26 -1.23 7.53
N ALA D 58 -19.19 -2.36 6.86
CA ALA D 58 -17.90 -3.06 6.69
C ALA D 58 -17.48 -3.06 5.24
N ILE D 59 -17.95 -2.10 4.45
CA ILE D 59 -17.63 -1.99 3.03
C ILE D 59 -16.14 -2.04 2.76
N LEU D 60 -15.34 -1.36 3.53
CA LEU D 60 -13.88 -1.35 3.31
C LEU D 60 -13.29 -2.74 3.40
N LEU D 61 -13.68 -3.50 4.41
CA LEU D 61 -13.21 -4.88 4.61
C LEU D 61 -13.67 -5.79 3.45
N ASN D 62 -14.93 -5.72 3.08
CA ASN D 62 -15.54 -6.51 2.03
C ASN D 62 -14.92 -6.23 0.67
N GLU D 63 -14.58 -4.97 0.43
CA GLU D 63 -13.96 -4.58 -0.83
C GLU D 63 -12.52 -5.01 -0.89
N LYS D 64 -11.81 -5.04 0.22
CA LYS D 64 -10.40 -5.46 0.30
C LYS D 64 -10.31 -6.97 0.14
N ASN D 65 -11.21 -7.69 0.78
CA ASN D 65 -11.29 -9.15 0.76
C ASN D 65 -11.61 -9.61 -0.68
N LEU D 66 -12.50 -8.89 -1.33
CA LEU D 66 -12.92 -9.18 -2.71
C LEU D 66 -11.73 -9.04 -3.67
N ALA D 67 -11.07 -7.90 -3.64
CA ALA D 67 -9.93 -7.58 -4.48
C ALA D 67 -8.75 -8.50 -4.20
N PHE D 68 -8.45 -8.74 -2.93
CA PHE D 68 -7.33 -9.59 -2.55
C PHE D 68 -7.48 -11.01 -3.02
N ASN D 69 -8.60 -11.63 -2.67
CA ASN D 69 -8.87 -13.02 -3.05
C ASN D 69 -9.15 -13.21 -4.49
N LEU D 70 -9.94 -12.32 -5.09
CA LEU D 70 -10.26 -12.43 -6.52
C LEU D 70 -8.97 -12.29 -7.36
N ALA D 71 -8.10 -11.37 -6.98
CA ALA D 71 -6.82 -11.14 -7.67
C ALA D 71 -5.89 -12.33 -7.42
N GLY D 72 -6.00 -12.87 -6.22
CA GLY D 72 -5.18 -14.04 -5.86
C GLY D 72 -5.60 -15.15 -6.83
N HIS D 73 -6.89 -15.37 -6.91
CA HIS D 73 -7.46 -16.40 -7.80
C HIS D 73 -7.10 -16.16 -9.24
N VAL D 74 -7.30 -14.95 -9.75
CA VAL D 74 -7.01 -14.60 -11.13
C VAL D 74 -5.58 -14.85 -11.54
N ASN D 75 -4.66 -14.46 -10.69
CA ASN D 75 -3.23 -14.56 -10.89
C ASN D 75 -2.74 -16.00 -11.00
N HIS D 76 -3.22 -16.84 -10.11
CA HIS D 76 -2.87 -18.26 -10.05
C HIS D 76 -3.47 -19.03 -11.22
N THR D 77 -4.64 -18.63 -11.68
CA THR D 77 -5.30 -19.28 -12.82
C THR D 77 -4.44 -19.15 -14.07
N ILE D 78 -3.94 -17.96 -14.34
CA ILE D 78 -3.08 -17.69 -15.51
C ILE D 78 -1.71 -18.32 -15.31
N TRP D 79 -1.23 -18.35 -14.08
CA TRP D 79 0.07 -18.91 -13.64
C TRP D 79 0.16 -20.38 -14.03
N TRP D 80 -0.86 -21.18 -13.71
CA TRP D 80 -0.89 -22.60 -14.06
C TRP D 80 -0.92 -22.80 -15.57
N LYS D 81 -1.55 -21.91 -16.31
CA LYS D 81 -1.65 -22.04 -17.77
C LYS D 81 -0.39 -21.55 -18.46
N ASN D 82 0.32 -20.64 -17.84
CA ASN D 82 1.57 -20.06 -18.36
C ASN D 82 2.72 -21.06 -18.23
N LEU D 83 2.51 -22.14 -17.50
CA LEU D 83 3.50 -23.18 -17.26
C LEU D 83 3.17 -24.45 -18.07
N SER D 84 4.21 -25.04 -18.63
CA SER D 84 4.06 -26.26 -19.41
C SER D 84 5.32 -27.10 -19.35
N PRO D 85 5.12 -28.40 -19.38
CA PRO D 85 6.27 -29.34 -19.37
C PRO D 85 6.93 -29.29 -20.77
N ASN D 86 6.17 -28.97 -21.77
CA ASN D 86 6.58 -28.85 -23.19
C ASN D 86 6.98 -27.39 -23.47
N GLY D 87 7.22 -26.62 -22.44
CA GLY D 87 7.57 -25.22 -22.57
C GLY D 87 9.02 -24.85 -22.70
N GLY D 88 9.26 -23.55 -22.64
CA GLY D 88 10.56 -22.92 -22.74
C GLY D 88 10.81 -22.31 -24.11
N ASP D 89 12.04 -22.44 -24.58
CA ASP D 89 12.50 -21.90 -25.87
C ASP D 89 12.17 -20.41 -25.93
N LYS D 90 11.77 -19.92 -27.09
CA LYS D 90 11.42 -18.48 -27.22
C LYS D 90 10.07 -18.37 -27.92
N PRO D 91 9.39 -17.25 -27.83
CA PRO D 91 8.08 -17.15 -28.52
C PRO D 91 8.32 -16.99 -30.03
N THR D 92 7.33 -17.37 -30.81
CA THR D 92 7.43 -17.27 -32.27
C THR D 92 6.30 -16.43 -32.83
N GLY D 93 6.42 -16.12 -34.10
CA GLY D 93 5.42 -15.34 -34.84
C GLY D 93 5.26 -13.93 -34.31
N GLU D 94 4.02 -13.51 -34.32
CA GLU D 94 3.46 -12.23 -33.90
C GLU D 94 4.04 -11.79 -32.56
N LEU D 95 3.73 -12.54 -31.53
CA LEU D 95 4.18 -12.36 -30.14
C LEU D 95 5.70 -12.10 -30.11
N ALA D 96 6.47 -12.91 -30.80
CA ALA D 96 7.92 -12.76 -30.85
C ALA D 96 8.28 -11.39 -31.46
N ALA D 97 7.50 -11.02 -32.45
CA ALA D 97 7.66 -9.76 -33.18
C ALA D 97 7.21 -8.57 -32.35
N ALA D 98 6.15 -8.75 -31.61
CA ALA D 98 5.52 -7.80 -30.70
C ALA D 98 6.45 -7.49 -29.53
N ILE D 99 7.07 -8.51 -28.97
CA ILE D 99 8.01 -8.39 -27.85
C ILE D 99 9.29 -7.67 -28.25
N ALA D 100 9.78 -7.95 -29.45
CA ALA D 100 11.00 -7.37 -30.00
C ALA D 100 10.83 -5.89 -30.30
N ASP D 101 9.65 -5.54 -30.80
CA ASP D 101 9.35 -4.14 -31.14
C ASP D 101 9.05 -3.35 -29.87
N ALA D 102 8.52 -4.03 -28.87
CA ALA D 102 8.16 -3.42 -27.60
C ALA D 102 9.29 -3.33 -26.61
N PHE D 103 10.22 -4.28 -26.64
CA PHE D 103 11.31 -4.21 -25.64
C PHE D 103 12.67 -4.18 -26.29
N GLY D 104 12.73 -4.09 -27.60
CA GLY D 104 13.98 -4.04 -28.37
C GLY D 104 14.43 -5.41 -28.84
N SER D 105 14.39 -6.37 -27.93
CA SER D 105 14.77 -7.77 -28.17
C SER D 105 14.11 -8.67 -27.12
N PHE D 106 14.09 -9.97 -27.34
CA PHE D 106 13.50 -10.89 -26.38
C PHE D 106 14.37 -10.99 -25.13
N ASP D 107 15.66 -10.77 -25.30
CA ASP D 107 16.67 -10.79 -24.23
C ASP D 107 16.51 -9.56 -23.32
N LYS D 108 16.25 -8.42 -23.91
CA LYS D 108 16.05 -7.14 -23.19
C LYS D 108 14.75 -7.25 -22.40
N PHE D 109 13.76 -7.90 -22.99
CA PHE D 109 12.48 -8.13 -22.32
C PHE D 109 12.70 -9.04 -21.11
N ARG D 110 13.46 -10.10 -21.34
CA ARG D 110 13.81 -11.11 -20.32
C ARG D 110 14.45 -10.43 -19.11
N ALA D 111 15.40 -9.56 -19.39
CA ALA D 111 16.15 -8.80 -18.40
C ALA D 111 15.24 -7.92 -17.56
N GLN D 112 14.39 -7.14 -18.19
CA GLN D 112 13.47 -6.24 -17.47
C GLN D 112 12.51 -7.06 -16.61
N PHE D 113 11.97 -8.14 -17.16
CA PHE D 113 11.04 -9.02 -16.44
C PHE D 113 11.72 -9.61 -15.21
N HIS D 114 12.95 -10.05 -15.38
CA HIS D 114 13.76 -10.65 -14.33
C HIS D 114 14.02 -9.68 -13.19
N ALA D 115 14.32 -8.44 -13.53
CA ALA D 115 14.59 -7.36 -12.59
C ALA D 115 13.31 -6.95 -11.84
N ALA D 116 12.19 -6.89 -12.54
CA ALA D 116 10.92 -6.51 -11.87
C ALA D 116 10.49 -7.59 -10.91
N ALA D 117 10.76 -8.83 -11.26
CA ALA D 117 10.41 -9.99 -10.45
C ALA D 117 11.27 -10.17 -9.23
N THR D 118 12.56 -9.90 -9.32
CA THR D 118 13.47 -10.11 -8.22
C THR D 118 13.69 -8.90 -7.35
N THR D 119 13.00 -7.79 -7.55
CA THR D 119 13.23 -6.60 -6.69
C THR D 119 11.98 -6.23 -5.91
N VAL D 120 10.97 -7.08 -5.87
CA VAL D 120 9.73 -6.77 -5.12
C VAL D 120 10.04 -6.70 -3.63
N GLN D 121 9.48 -5.74 -2.94
CA GLN D 121 9.73 -5.57 -1.48
C GLN D 121 8.53 -6.12 -0.71
N GLY D 122 8.54 -7.42 -0.56
CA GLY D 122 7.44 -8.16 0.09
C GLY D 122 6.90 -9.13 -0.95
N SER D 123 5.63 -9.50 -0.85
CA SER D 123 5.05 -10.44 -1.83
C SER D 123 4.70 -9.72 -3.12
N GLY D 124 4.78 -10.43 -4.24
CA GLY D 124 4.44 -9.77 -5.49
C GLY D 124 4.66 -10.68 -6.70
N TRP D 125 4.55 -10.07 -7.85
CA TRP D 125 4.71 -10.70 -9.13
C TRP D 125 5.30 -9.72 -10.17
N ALA D 126 5.71 -10.34 -11.23
CA ALA D 126 6.22 -9.75 -12.47
C ALA D 126 5.10 -10.05 -13.50
N ALA D 127 4.63 -9.05 -14.23
CA ALA D 127 3.56 -9.39 -15.17
C ALA D 127 3.71 -8.68 -16.49
N LEU D 128 3.53 -9.46 -17.54
CA LEU D 128 3.55 -8.89 -18.90
C LEU D 128 2.06 -8.65 -19.29
N GLY D 129 1.70 -7.45 -19.69
CA GLY D 129 0.29 -7.24 -20.01
C GLY D 129 0.17 -6.31 -21.22
N TRP D 130 -1.06 -6.31 -21.71
CA TRP D 130 -1.46 -5.52 -22.86
C TRP D 130 -2.29 -4.33 -22.40
N ASP D 131 -1.84 -3.15 -22.77
CA ASP D 131 -2.54 -1.90 -22.43
C ASP D 131 -3.46 -1.53 -23.61
N THR D 132 -4.76 -1.61 -23.38
CA THR D 132 -5.80 -1.30 -24.37
C THR D 132 -5.75 0.15 -24.78
N LEU D 133 -5.51 1.03 -23.82
CA LEU D 133 -5.44 2.46 -24.07
C LEU D 133 -4.37 2.83 -25.07
N GLY D 134 -3.12 2.56 -24.75
CA GLY D 134 -2.02 2.93 -25.66
C GLY D 134 -1.75 1.83 -26.67
N ASN D 135 -2.37 0.69 -26.50
CA ASN D 135 -2.19 -0.48 -27.39
C ASN D 135 -0.71 -0.87 -27.36
N LYS D 136 -0.24 -1.19 -26.16
CA LYS D 136 1.15 -1.54 -25.96
C LYS D 136 1.30 -2.71 -24.95
N LEU D 137 2.42 -3.38 -25.16
CA LEU D 137 2.85 -4.53 -24.31
C LEU D 137 3.69 -3.85 -23.17
N LEU D 138 3.30 -4.04 -21.93
CA LEU D 138 4.07 -3.40 -20.84
C LEU D 138 4.28 -4.44 -19.70
N ILE D 139 5.36 -4.25 -18.99
CA ILE D 139 5.69 -5.12 -17.85
C ILE D 139 5.32 -4.32 -16.57
N PHE D 140 4.72 -5.01 -15.63
CA PHE D 140 4.32 -4.40 -14.36
C PHE D 140 4.88 -5.21 -13.19
N GLN D 141 5.22 -4.47 -12.16
CA GLN D 141 5.70 -5.04 -10.89
C GLN D 141 4.52 -5.01 -9.90
N VAL D 142 3.85 -6.15 -9.77
CA VAL D 142 2.70 -6.31 -8.89
C VAL D 142 3.10 -6.54 -7.45
N TYR D 143 2.48 -5.80 -6.56
CA TYR D 143 2.71 -5.90 -5.09
C TYR D 143 1.57 -6.81 -4.58
N ASP D 144 1.86 -7.79 -3.74
CA ASP D 144 0.79 -8.70 -3.27
C ASP D 144 0.14 -9.34 -4.48
N HIS D 145 -1.15 -9.16 -4.68
CA HIS D 145 -1.81 -9.72 -5.88
C HIS D 145 -2.57 -8.61 -6.62
N GLN D 146 -3.02 -7.61 -5.90
CA GLN D 146 -3.91 -6.58 -6.44
C GLN D 146 -3.38 -5.20 -6.43
N THR D 147 -2.09 -5.00 -6.59
CA THR D 147 -1.63 -3.58 -6.51
C THR D 147 -0.49 -3.27 -7.44
N ASN D 148 -0.45 -2.05 -7.94
CA ASN D 148 0.59 -1.52 -8.78
C ASN D 148 0.41 -1.63 -10.26
N PHE D 149 -0.78 -1.52 -10.81
CA PHE D 149 -1.06 -1.61 -12.25
C PHE D 149 -2.39 -0.93 -12.54
N PRO D 150 -2.65 -0.51 -13.77
CA PRO D 150 -3.92 0.15 -14.07
C PRO D 150 -5.04 -0.81 -14.39
N LEU D 151 -6.25 -0.27 -14.40
CA LEU D 151 -7.47 -0.99 -14.74
C LEU D 151 -7.50 -1.26 -16.26
N GLY D 152 -8.16 -2.33 -16.65
CA GLY D 152 -8.31 -2.68 -18.07
C GLY D 152 -7.07 -3.29 -18.67
N ILE D 153 -6.07 -3.60 -17.87
CA ILE D 153 -4.85 -4.24 -18.41
C ILE D 153 -5.11 -5.75 -18.60
N VAL D 154 -4.71 -6.30 -19.73
CA VAL D 154 -4.91 -7.75 -19.98
C VAL D 154 -3.63 -8.49 -19.67
N PRO D 155 -3.65 -9.39 -18.70
CA PRO D 155 -2.43 -10.14 -18.34
C PRO D 155 -2.16 -11.25 -19.34
N LEU D 156 -0.90 -11.44 -19.68
CA LEU D 156 -0.46 -12.44 -20.65
C LEU D 156 0.49 -13.46 -20.00
N LEU D 157 1.44 -13.00 -19.21
CA LEU D 157 2.45 -13.83 -18.54
C LEU D 157 2.72 -13.30 -17.13
N LEU D 158 2.61 -14.20 -16.16
CA LEU D 158 2.83 -13.91 -14.75
C LEU D 158 3.96 -14.80 -14.17
N LEU D 159 4.69 -14.23 -13.24
CA LEU D 159 5.77 -14.87 -12.50
C LEU D 159 5.51 -14.62 -10.99
N ASP D 160 5.07 -15.64 -10.28
CA ASP D 160 4.74 -15.63 -8.86
C ASP D 160 5.98 -15.48 -8.01
N MET D 161 6.11 -14.31 -7.39
CA MET D 161 7.24 -13.99 -6.56
C MET D 161 6.95 -14.04 -5.10
N TRP D 162 5.84 -14.71 -4.76
CA TRP D 162 5.54 -14.85 -3.29
C TRP D 162 6.52 -15.90 -2.76
N GLU D 163 6.98 -15.77 -1.53
CA GLU D 163 7.93 -16.70 -0.94
C GLU D 163 7.51 -18.14 -1.03
N HIS D 164 6.23 -18.43 -0.94
CA HIS D 164 5.75 -19.81 -1.00
C HIS D 164 5.91 -20.44 -2.36
N ALA D 165 6.19 -19.65 -3.38
CA ALA D 165 6.35 -20.16 -4.73
C ALA D 165 7.72 -20.76 -4.96
N PHE D 166 8.68 -20.50 -4.09
CA PHE D 166 10.04 -21.03 -4.32
C PHE D 166 10.78 -21.40 -3.07
N TYR D 167 10.39 -21.03 -1.86
CA TYR D 167 11.06 -21.31 -0.63
C TYR D 167 11.52 -22.70 -0.36
N LEU D 168 10.64 -23.69 -0.35
CA LEU D 168 10.95 -25.10 -0.08
C LEU D 168 12.16 -25.58 -0.88
N GLN D 169 12.23 -25.16 -2.13
CA GLN D 169 13.25 -25.53 -3.08
C GLN D 169 14.43 -24.62 -3.16
N TYR D 170 14.20 -23.34 -3.42
CA TYR D 170 15.27 -22.37 -3.55
C TYR D 170 15.65 -21.66 -2.29
N LYS D 171 14.80 -21.75 -1.27
CA LYS D 171 15.09 -21.05 -0.01
C LYS D 171 15.03 -19.55 -0.24
N ASN D 172 16.08 -18.84 0.11
CA ASN D 172 16.20 -17.39 -0.02
C ASN D 172 16.67 -16.94 -1.37
N VAL D 173 17.29 -17.80 -2.14
CA VAL D 173 17.83 -17.43 -3.46
C VAL D 173 16.75 -17.34 -4.51
N LYS D 174 15.98 -16.27 -4.50
CA LYS D 174 14.89 -15.98 -5.41
C LYS D 174 15.32 -15.80 -6.84
N VAL D 175 16.53 -15.35 -7.15
CA VAL D 175 16.95 -15.17 -8.53
C VAL D 175 17.20 -16.48 -9.25
N ASP D 176 17.46 -17.57 -8.53
CA ASP D 176 17.70 -18.84 -9.26
C ASP D 176 16.34 -19.36 -9.73
N PHE D 177 15.32 -19.10 -8.93
CA PHE D 177 13.93 -19.50 -9.21
C PHE D 177 13.40 -18.68 -10.38
N ALA D 178 13.74 -17.41 -10.42
CA ALA D 178 13.28 -16.50 -11.48
C ALA D 178 13.94 -16.87 -12.80
N LYS D 179 15.16 -17.39 -12.75
CA LYS D 179 15.91 -17.80 -13.94
C LYS D 179 15.37 -19.14 -14.44
N ALA D 180 15.02 -20.02 -13.54
CA ALA D 180 14.50 -21.35 -13.83
C ALA D 180 13.18 -21.28 -14.59
N PHE D 181 12.31 -20.35 -14.23
CA PHE D 181 10.99 -20.04 -14.75
C PHE D 181 10.94 -20.05 -16.27
N TRP D 182 11.97 -19.53 -16.92
CA TRP D 182 12.09 -19.45 -18.38
C TRP D 182 12.10 -20.82 -19.04
N ASN D 183 12.49 -21.84 -18.31
CA ASN D 183 12.55 -23.21 -18.82
C ASN D 183 11.19 -23.87 -18.86
N VAL D 184 10.18 -23.34 -18.20
CA VAL D 184 8.86 -23.99 -18.24
C VAL D 184 7.79 -23.05 -18.74
N VAL D 185 8.15 -21.95 -19.37
CA VAL D 185 7.11 -21.03 -19.89
C VAL D 185 6.36 -21.62 -21.04
N ASN D 186 5.04 -21.57 -21.00
CA ASN D 186 4.18 -22.07 -22.09
C ASN D 186 3.80 -20.91 -23.01
N TRP D 187 4.69 -20.64 -23.94
CA TRP D 187 4.58 -19.59 -24.93
C TRP D 187 3.38 -19.75 -25.83
N ALA D 188 2.85 -20.96 -25.91
CA ALA D 188 1.67 -21.20 -26.76
C ALA D 188 0.45 -20.54 -26.10
N ASP D 189 0.39 -20.64 -24.79
CA ASP D 189 -0.70 -20.05 -24.01
C ASP D 189 -0.60 -18.52 -24.04
N VAL D 190 0.60 -17.99 -23.92
CA VAL D 190 0.84 -16.54 -23.96
C VAL D 190 0.54 -15.99 -25.34
N GLN D 191 0.85 -16.76 -26.38
CA GLN D 191 0.60 -16.36 -27.79
C GLN D 191 -0.90 -16.26 -28.04
N SER D 192 -1.61 -17.20 -27.45
CA SER D 192 -3.07 -17.31 -27.53
C SER D 192 -3.73 -16.13 -26.81
N ARG D 193 -3.15 -15.73 -25.70
CA ARG D 193 -3.63 -14.62 -24.86
C ARG D 193 -3.43 -13.28 -25.58
N TYR D 194 -2.28 -13.13 -26.20
CA TYR D 194 -1.92 -11.91 -26.94
C TYR D 194 -2.85 -11.75 -28.13
N ALA D 195 -3.14 -12.84 -28.82
CA ALA D 195 -4.01 -12.85 -30.00
C ALA D 195 -5.42 -12.41 -29.65
N ALA D 196 -5.85 -12.83 -28.48
CA ALA D 196 -7.18 -12.52 -27.97
C ALA D 196 -7.25 -11.08 -27.48
N ALA D 197 -6.15 -10.58 -26.93
CA ALA D 197 -6.05 -9.21 -26.44
C ALA D 197 -6.02 -8.22 -27.58
N THR D 198 -5.30 -8.54 -28.65
CA THR D 198 -5.18 -7.65 -29.78
C THR D 198 -6.42 -7.62 -30.65
N SER D 199 -7.30 -8.58 -30.47
CA SER D 199 -8.54 -8.65 -31.28
C SER D 199 -9.70 -8.04 -30.50
FE FE E . -4.23 17.03 6.99
FE FE F . -8.71 13.35 -10.38
FE FE G . 11.64 -12.27 8.63
FE FE H . 1.30 -18.16 -5.24
#